data_8Q43
#
_entry.id   8Q43
#
_cell.length_a   54.785
_cell.length_b   78.932
_cell.length_c   95.046
_cell.angle_alpha   90.000
_cell.angle_beta   94.760
_cell.angle_gamma   90.000
#
_symmetry.space_group_name_H-M   'P 1 21 1'
#
loop_
_entity.id
_entity.type
_entity.pdbx_description
1 polymer 'DUF1887 family protein'
2 polymer "DNA (5'-D(*CP*CP*CP*CP*C)-3')"
3 polymer 'Cyclic tetraadenosine monophosphate (cA4)'
4 non-polymer 'MANGANESE (II) ION'
5 water water
#
loop_
_entity_poly.entity_id
_entity_poly.type
_entity_poly.pdbx_seq_one_letter_code
_entity_poly.pdbx_strand_id
1 'polypeptide(L)'
;SNMNEKVLVLIVGTNPLPNYVVGSHLKEKYDKFVLIYSEKNDKINQNSTYDYAKKLKEHLNLNDKCIFLPLSDVSNSEKI
INDLREKFPSEDFVEVHLNYTGGTKTMVVHIYNFLKEKFKNNKIKFEGSYLDARDYKLVYDYSEEAISLKDTIKIDINTL
LSIHLYEDIHFEFYDTYSYKQKFVDSFDKISQEIEKAIKDDKGEDFVKWLEDPFRKIFKGENKLLEKTAKFKKHIEKLLK
DNDSSPIVKFNEKTPQFIWDILNAFPEGKKLNDGQKLWIPDDKITNDNLSSRVKDTVEFLNGKWFEWYVYSQIKSELLDR
KLKEGEHFGISLKAQKKDSPYFALDIFLINGYQLIGISLTTSSTRELCKLKGFEVIHRVRQIGGDESKAILITGMDKSKT
EDLQKDLAYETGSTQKRFVVFGIDDWADIGSKICEEVFK
;
A,B
2 'polydeoxyribonucleotide' (DC)(DC)(DC)(DC)(DC)(DC) C,D
3 'polyribonucleotide' AAAA X
#
# COMPACT_ATOMS: atom_id res chain seq x y z
N LEU A 8 -13.00 -30.37 17.50
CA LEU A 8 -12.74 -29.04 16.99
C LEU A 8 -12.05 -29.12 15.63
N VAL A 9 -12.74 -28.61 14.60
CA VAL A 9 -12.24 -28.61 13.23
C VAL A 9 -12.05 -27.17 12.79
N LEU A 10 -10.99 -26.91 12.02
CA LEU A 10 -10.68 -25.56 11.57
C LEU A 10 -10.39 -25.57 10.08
N ILE A 11 -10.76 -24.47 9.41
CA ILE A 11 -10.51 -24.27 7.99
C ILE A 11 -9.37 -23.29 7.85
N VAL A 12 -8.28 -23.73 7.23
CA VAL A 12 -7.02 -22.98 7.21
C VAL A 12 -6.98 -22.19 5.91
N GLY A 13 -7.27 -20.90 5.99
CA GLY A 13 -7.10 -19.98 4.88
C GLY A 13 -5.76 -19.27 4.95
N THR A 14 -5.72 -18.08 4.36
CA THR A 14 -4.49 -17.30 4.34
C THR A 14 -4.37 -16.36 5.53
N ASN A 15 -5.41 -16.24 6.35
CA ASN A 15 -5.34 -15.46 7.59
C ASN A 15 -5.25 -16.43 8.76
N PRO A 16 -4.06 -16.66 9.32
CA PRO A 16 -3.95 -17.65 10.39
C PRO A 16 -4.42 -17.17 11.75
N LEU A 17 -4.50 -15.86 11.97
CA LEU A 17 -4.84 -15.34 13.29
C LEU A 17 -6.22 -15.76 13.79
N PRO A 18 -7.30 -15.73 13.00
CA PRO A 18 -8.60 -16.16 13.53
C PRO A 18 -8.62 -17.60 14.02
N ASN A 19 -7.85 -18.49 13.38
CA ASN A 19 -7.82 -19.88 13.83
C ASN A 19 -7.02 -20.04 15.11
N TYR A 20 -5.96 -19.24 15.28
CA TYR A 20 -5.22 -19.26 16.54
C TYR A 20 -6.07 -18.78 17.69
N VAL A 21 -6.86 -17.72 17.47
CA VAL A 21 -7.70 -17.18 18.54
C VAL A 21 -8.78 -18.18 18.92
N VAL A 22 -9.43 -18.78 17.92
CA VAL A 22 -10.44 -19.79 18.21
C VAL A 22 -9.78 -21.04 18.79
N GLY A 23 -8.63 -21.44 18.25
CA GLY A 23 -7.95 -22.62 18.74
C GLY A 23 -7.48 -22.47 20.18
N SER A 24 -6.94 -21.31 20.52
CA SER A 24 -6.51 -21.08 21.90
C SER A 24 -7.67 -21.16 22.88
N HIS A 25 -8.88 -20.82 22.43
CA HIS A 25 -10.04 -20.84 23.30
C HIS A 25 -10.66 -22.22 23.36
N LEU A 26 -10.92 -22.83 22.20
CA LEU A 26 -11.65 -24.10 22.11
C LEU A 26 -10.72 -25.30 22.04
N LYS A 27 -9.53 -25.23 22.64
CA LYS A 27 -8.67 -26.40 22.79
C LYS A 27 -8.86 -27.10 24.12
N GLU A 28 -9.15 -26.33 25.17
CA GLU A 28 -9.34 -26.90 26.49
C GLU A 28 -10.57 -27.79 26.56
N LYS A 29 -11.57 -27.51 25.72
CA LYS A 29 -12.81 -28.26 25.76
C LYS A 29 -12.86 -29.36 24.70
N TYR A 30 -11.75 -29.63 24.05
CA TYR A 30 -11.76 -30.62 22.97
C TYR A 30 -10.57 -31.57 23.01
N ASP A 31 -10.67 -32.66 22.25
CA ASP A 31 -9.61 -33.67 22.29
C ASP A 31 -8.83 -33.80 20.99
N LYS A 32 -9.53 -34.02 19.88
CA LYS A 32 -8.86 -34.17 18.59
C LYS A 32 -9.01 -32.89 17.76
N PHE A 33 -8.09 -32.66 16.83
CA PHE A 33 -8.12 -31.44 16.04
C PHE A 33 -7.82 -31.71 14.58
N VAL A 34 -8.72 -31.28 13.71
CA VAL A 34 -8.51 -31.47 12.28
C VAL A 34 -8.38 -30.12 11.59
N LEU A 35 -7.40 -30.00 10.71
CA LEU A 35 -7.17 -28.73 10.03
C LEU A 35 -7.21 -28.93 8.54
N ILE A 36 -8.15 -28.26 7.87
CA ILE A 36 -8.29 -28.42 6.43
C ILE A 36 -7.43 -27.39 5.71
N TYR A 37 -6.52 -27.86 4.88
CA TYR A 37 -5.62 -26.96 4.18
C TYR A 37 -5.63 -27.28 2.69
N SER A 38 -5.19 -26.31 1.90
CA SER A 38 -5.20 -26.42 0.44
C SER A 38 -3.86 -26.93 -0.06
N GLU A 39 -3.89 -27.58 -1.22
CA GLU A 39 -2.68 -28.04 -1.89
C GLU A 39 -2.22 -26.99 -2.90
N LYS A 40 -0.99 -27.18 -3.39
CA LYS A 40 -0.38 -26.27 -4.36
C LYS A 40 -0.58 -26.83 -5.76
N ASN A 41 -1.36 -26.13 -6.57
CA ASN A 41 -1.54 -26.46 -7.99
C ASN A 41 -1.31 -25.17 -8.77
N ASP A 42 -0.09 -25.01 -9.29
CA ASP A 42 0.26 -23.81 -10.03
C ASP A 42 -0.61 -23.63 -11.27
N LYS A 43 -1.13 -24.73 -11.81
CA LYS A 43 -1.94 -24.66 -13.02
C LYS A 43 -3.25 -23.92 -12.78
N ILE A 44 -3.86 -24.14 -11.62
CA ILE A 44 -5.15 -23.54 -11.33
C ILE A 44 -4.97 -22.31 -10.44
N ASN A 45 -3.76 -21.78 -10.35
CA ASN A 45 -3.45 -20.56 -9.59
C ASN A 45 -3.85 -20.72 -8.12
N GLN A 46 -3.66 -21.92 -7.58
CA GLN A 46 -4.01 -22.22 -6.19
C GLN A 46 -2.76 -22.55 -5.41
N ASN A 47 -2.49 -21.77 -4.37
CA ASN A 47 -1.36 -21.99 -3.48
C ASN A 47 -1.83 -22.70 -2.21
N SER A 48 -0.86 -23.23 -1.47
CA SER A 48 -1.15 -24.02 -0.29
C SER A 48 -1.11 -23.17 0.97
N THR A 49 -2.02 -23.47 1.91
CA THR A 49 -1.99 -22.89 3.24
C THR A 49 -1.38 -23.84 4.26
N TYR A 50 -0.59 -24.80 3.80
CA TYR A 50 0.00 -25.80 4.71
C TYR A 50 0.96 -25.16 5.69
N ASP A 51 1.69 -24.12 5.25
CA ASP A 51 2.61 -23.44 6.15
C ASP A 51 1.88 -22.79 7.32
N TYR A 52 0.69 -22.24 7.06
CA TYR A 52 -0.10 -21.68 8.16
C TYR A 52 -0.65 -22.78 9.05
N ALA A 53 -0.99 -23.94 8.47
CA ALA A 53 -1.50 -25.04 9.26
C ALA A 53 -0.44 -25.59 10.21
N LYS A 54 0.81 -25.63 9.76
CA LYS A 54 1.89 -26.06 10.63
C LYS A 54 2.11 -25.09 11.78
N LYS A 55 2.13 -23.79 11.46
CA LYS A 55 2.31 -22.79 12.49
C LYS A 55 1.20 -22.87 13.53
N LEU A 56 -0.01 -23.18 13.08
CA LEU A 56 -1.13 -23.30 14.00
C LEU A 56 -0.94 -24.47 14.94
N LYS A 57 -0.47 -25.59 14.41
CA LYS A 57 -0.23 -26.76 15.24
C LYS A 57 0.85 -26.47 16.26
N GLU A 58 1.97 -25.91 15.81
CA GLU A 58 3.07 -25.62 16.70
C GLU A 58 2.69 -24.64 17.79
N HIS A 59 2.08 -23.53 17.42
CA HIS A 59 1.75 -22.50 18.42
C HIS A 59 0.53 -22.84 19.25
N LEU A 60 -0.20 -23.89 18.86
CA LEU A 60 -1.34 -24.32 19.66
C LEU A 60 -1.04 -25.65 20.34
N ASN A 61 0.20 -26.13 20.19
CA ASN A 61 0.61 -27.38 20.83
C ASN A 61 -0.34 -28.54 20.56
N LEU A 62 -0.43 -28.96 19.30
CA LEU A 62 -1.31 -30.06 18.94
C LEU A 62 -0.51 -31.11 18.18
N ASN A 63 0.46 -31.72 18.84
CA ASN A 63 1.33 -32.66 18.15
C ASN A 63 0.66 -33.94 17.63
N ASP A 64 -0.11 -34.62 18.48
CA ASP A 64 -0.71 -35.88 18.07
C ASP A 64 -2.17 -35.76 17.74
N LYS A 65 -2.83 -34.74 18.28
CA LYS A 65 -4.25 -34.56 18.06
C LYS A 65 -4.55 -33.90 16.73
N CYS A 66 -3.52 -33.44 16.03
CA CYS A 66 -3.75 -32.70 14.78
C CYS A 66 -3.80 -33.59 13.54
N ILE A 67 -4.79 -33.36 12.70
CA ILE A 67 -4.89 -34.12 11.46
C ILE A 67 -4.93 -33.17 10.27
N PHE A 68 -3.99 -33.33 9.34
CA PHE A 68 -3.91 -32.43 8.20
C PHE A 68 -4.67 -32.99 7.01
N LEU A 69 -5.71 -32.29 6.58
CA LEU A 69 -6.53 -32.76 5.47
C LEU A 69 -6.26 -31.89 4.25
N PRO A 70 -5.64 -32.41 3.19
CA PRO A 70 -5.38 -31.59 2.00
C PRO A 70 -6.53 -31.64 1.00
N LEU A 71 -6.86 -30.47 0.46
CA LEU A 71 -7.89 -30.34 -0.56
C LEU A 71 -7.24 -29.88 -1.86
N SER A 72 -7.38 -30.69 -2.91
CA SER A 72 -6.71 -30.39 -4.17
C SER A 72 -7.28 -29.16 -4.87
N ASP A 73 -8.54 -28.84 -4.60
CA ASP A 73 -9.17 -27.68 -5.22
C ASP A 73 -10.18 -27.09 -4.26
N VAL A 74 -9.92 -25.87 -3.81
CA VAL A 74 -10.79 -25.25 -2.83
C VAL A 74 -11.85 -24.39 -3.50
N SER A 75 -11.89 -24.44 -4.82
CA SER A 75 -12.88 -23.67 -5.55
C SER A 75 -13.92 -24.56 -6.23
N ASN A 76 -13.80 -25.87 -6.11
CA ASN A 76 -14.69 -26.79 -6.82
C ASN A 76 -15.27 -27.78 -5.81
N SER A 77 -16.60 -27.74 -5.63
CA SER A 77 -17.23 -28.61 -4.65
C SER A 77 -17.02 -30.08 -4.99
N GLU A 78 -17.03 -30.43 -6.28
CA GLU A 78 -16.89 -31.83 -6.68
C GLU A 78 -15.56 -32.40 -6.22
N LYS A 79 -14.45 -31.69 -6.52
CA LYS A 79 -13.15 -32.17 -6.09
C LYS A 79 -12.97 -32.04 -4.58
N ILE A 80 -13.70 -31.11 -3.95
CA ILE A 80 -13.64 -30.98 -2.49
C ILE A 80 -14.16 -32.24 -1.83
N ILE A 81 -15.42 -32.58 -2.08
CA ILE A 81 -16.05 -33.70 -1.38
C ILE A 81 -15.34 -35.01 -1.69
N ASN A 82 -14.84 -35.16 -2.92
CA ASN A 82 -14.09 -36.36 -3.26
C ASN A 82 -12.85 -36.49 -2.38
N ASP A 83 -12.15 -35.38 -2.16
CA ASP A 83 -11.03 -35.39 -1.21
C ASP A 83 -11.52 -35.52 0.23
N LEU A 84 -12.68 -34.95 0.55
CA LEU A 84 -13.19 -35.09 1.91
C LEU A 84 -13.61 -36.53 2.21
N ARG A 85 -14.02 -37.28 1.19
CA ARG A 85 -14.44 -38.67 1.41
C ARG A 85 -13.26 -39.54 1.81
N GLU A 86 -12.19 -39.50 1.01
CA GLU A 86 -11.08 -40.44 1.19
C GLU A 86 -10.31 -40.24 2.48
N LYS A 87 -10.45 -39.08 3.13
CA LYS A 87 -9.65 -38.80 4.33
C LYS A 87 -10.41 -37.90 5.28
N PHE A 88 -10.50 -38.33 6.53
CA PHE A 88 -11.01 -37.49 7.62
C PHE A 88 -10.75 -38.14 8.97
N HIS A 97 -17.52 -29.83 16.47
CA HIS A 97 -17.47 -28.37 16.51
C HIS A 97 -16.63 -27.83 15.35
N LEU A 98 -17.32 -27.30 14.34
CA LEU A 98 -16.67 -26.75 13.16
C LEU A 98 -16.69 -25.23 13.26
N ASN A 99 -15.51 -24.62 13.37
CA ASN A 99 -15.34 -23.18 13.22
C ASN A 99 -15.07 -22.89 11.75
N TYR A 100 -16.07 -22.33 11.06
CA TYR A 100 -16.02 -22.11 9.62
C TYR A 100 -15.59 -20.70 9.26
N THR A 101 -14.71 -20.08 10.08
CA THR A 101 -14.33 -18.69 9.86
C THR A 101 -13.35 -18.53 8.71
N GLY A 102 -12.49 -19.53 8.46
CA GLY A 102 -11.48 -19.44 7.43
C GLY A 102 -11.85 -20.21 6.17
N GLY A 103 -10.95 -20.12 5.19
CA GLY A 103 -11.14 -20.81 3.92
C GLY A 103 -12.13 -20.10 3.01
N THR A 104 -12.19 -20.59 1.77
CA THR A 104 -13.09 -20.03 0.77
C THR A 104 -14.55 -20.23 1.18
N LYS A 105 -15.45 -19.63 0.40
CA LYS A 105 -16.88 -19.84 0.64
C LYS A 105 -17.27 -21.28 0.36
N THR A 106 -16.70 -21.87 -0.68
CA THR A 106 -16.98 -23.25 -0.99
C THR A 106 -16.55 -24.15 0.16
N MET A 107 -15.32 -23.97 0.63
CA MET A 107 -14.84 -24.77 1.75
C MET A 107 -15.80 -24.69 2.93
N VAL A 108 -16.33 -23.49 3.20
CA VAL A 108 -17.21 -23.32 4.35
C VAL A 108 -18.53 -24.04 4.13
N VAL A 109 -19.09 -23.95 2.93
CA VAL A 109 -20.37 -24.60 2.65
C VAL A 109 -20.21 -26.12 2.64
N HIS A 110 -19.39 -26.63 1.73
CA HIS A 110 -19.28 -28.07 1.48
C HIS A 110 -18.52 -28.82 2.55
N ILE A 111 -18.14 -28.16 3.65
CA ILE A 111 -17.66 -28.85 4.85
C ILE A 111 -18.68 -28.79 5.97
N TYR A 112 -19.36 -27.64 6.13
CA TYR A 112 -20.46 -27.55 7.08
C TYR A 112 -21.56 -28.55 6.75
N ASN A 113 -21.70 -28.92 5.48
CA ASN A 113 -22.72 -29.88 5.03
C ASN A 113 -22.18 -31.30 4.91
N PHE A 114 -20.96 -31.46 4.40
CA PHE A 114 -20.37 -32.80 4.30
C PHE A 114 -20.28 -33.45 5.68
N LEU A 115 -19.74 -32.71 6.65
CA LEU A 115 -19.57 -33.27 7.99
C LEU A 115 -20.91 -33.56 8.65
N LYS A 116 -21.91 -32.72 8.38
CA LYS A 116 -23.23 -32.94 8.97
C LYS A 116 -23.88 -34.20 8.44
N GLU A 117 -23.76 -34.44 7.14
CA GLU A 117 -24.31 -35.65 6.53
C GLU A 117 -23.56 -36.89 7.01
N PHE A 126 -23.42 -31.52 16.31
CA PHE A 126 -22.76 -30.76 15.25
C PHE A 126 -22.87 -29.26 15.52
N GLU A 127 -21.93 -28.73 16.29
CA GLU A 127 -21.91 -27.32 16.60
C GLU A 127 -21.09 -26.56 15.57
N GLY A 128 -21.54 -25.34 15.26
CA GLY A 128 -20.81 -24.48 14.33
C GLY A 128 -20.51 -23.12 14.92
N SER A 129 -19.26 -22.67 14.80
CA SER A 129 -18.84 -21.39 15.35
C SER A 129 -18.24 -20.51 14.27
N TYR A 130 -18.11 -19.23 14.62
CA TYR A 130 -17.59 -18.21 13.72
C TYR A 130 -17.06 -17.06 14.58
N LEU A 131 -15.88 -16.57 14.25
CA LEU A 131 -15.27 -15.45 14.96
C LEU A 131 -15.56 -14.16 14.20
N ASP A 132 -16.38 -13.30 14.79
CA ASP A 132 -16.72 -12.01 14.20
C ASP A 132 -15.56 -11.05 14.36
N ALA A 133 -14.94 -10.67 13.24
CA ALA A 133 -13.84 -9.71 13.28
C ALA A 133 -14.29 -8.31 13.65
N ARG A 134 -15.60 -8.04 13.65
CA ARG A 134 -16.09 -6.69 13.91
C ARG A 134 -16.32 -6.44 15.39
N ASP A 135 -16.95 -7.38 16.09
CA ASP A 135 -17.25 -7.22 17.51
C ASP A 135 -16.39 -8.09 18.40
N TYR A 136 -15.43 -8.82 17.83
CA TYR A 136 -14.50 -9.67 18.59
C TYR A 136 -15.25 -10.69 19.45
N LYS A 137 -16.15 -11.43 18.80
CA LYS A 137 -16.98 -12.39 19.50
C LYS A 137 -17.07 -13.67 18.69
N LEU A 138 -16.89 -14.80 19.38
CA LEU A 138 -17.20 -16.10 18.79
C LEU A 138 -18.69 -16.35 18.92
N VAL A 139 -19.34 -16.69 17.80
CA VAL A 139 -20.78 -16.88 17.76
C VAL A 139 -21.09 -18.33 17.46
N TYR A 140 -22.05 -18.90 18.17
CA TYR A 140 -22.47 -20.27 17.99
C TYR A 140 -23.74 -20.33 17.15
N ASP A 141 -23.83 -21.33 16.29
CA ASP A 141 -25.00 -21.51 15.43
C ASP A 141 -26.17 -22.09 16.21
N ALA A 146 -22.38 -13.47 21.76
CA ALA A 146 -22.09 -14.55 22.69
C ALA A 146 -20.90 -14.23 23.57
N ILE A 147 -19.78 -14.90 23.33
CA ILE A 147 -18.59 -14.77 24.17
C ILE A 147 -17.62 -13.81 23.51
N SER A 148 -17.31 -12.72 24.20
CA SER A 148 -16.35 -11.74 23.71
C SER A 148 -14.93 -12.19 24.04
N LEU A 149 -14.06 -12.22 23.02
CA LEU A 149 -12.68 -12.67 23.19
C LEU A 149 -11.68 -11.52 23.06
N LYS A 150 -12.15 -10.27 22.99
CA LYS A 150 -11.24 -9.13 22.85
C LYS A 150 -10.31 -8.99 24.05
N ASP A 151 -10.80 -9.30 25.26
CA ASP A 151 -9.98 -9.21 26.47
C ASP A 151 -9.81 -10.57 27.12
N THR A 152 -9.77 -11.64 26.31
CA THR A 152 -9.62 -13.00 26.84
C THR A 152 -8.44 -13.69 26.17
N ILE A 153 -8.46 -13.78 24.85
CA ILE A 153 -7.35 -14.40 24.12
C ILE A 153 -6.27 -13.35 23.89
N LYS A 154 -5.05 -13.67 24.31
CA LYS A 154 -3.92 -12.76 24.18
C LYS A 154 -2.86 -13.39 23.29
N ILE A 155 -2.01 -12.54 22.72
CA ILE A 155 -0.95 -12.98 21.82
C ILE A 155 0.22 -12.00 21.95
N ASP A 156 1.42 -12.52 21.74
CA ASP A 156 2.63 -11.71 21.76
C ASP A 156 3.12 -11.44 20.34
N ILE A 157 4.13 -10.57 20.23
CA ILE A 157 4.62 -10.19 18.91
C ILE A 157 5.34 -11.35 18.23
N ASN A 158 5.98 -12.24 19.01
CA ASN A 158 6.70 -13.35 18.39
C ASN A 158 5.75 -14.40 17.84
N THR A 159 4.70 -14.71 18.58
CA THR A 159 3.71 -15.66 18.09
C THR A 159 2.94 -15.08 16.90
N LEU A 160 2.62 -13.79 16.94
CA LEU A 160 1.83 -13.19 15.88
C LEU A 160 2.58 -13.18 14.55
N LEU A 161 3.85 -12.75 14.56
CA LEU A 161 4.62 -12.71 13.32
C LEU A 161 5.01 -14.11 12.86
N SER A 162 5.13 -15.06 13.79
CA SER A 162 5.51 -16.42 13.41
C SER A 162 4.40 -17.12 12.66
N ILE A 163 3.16 -16.99 13.14
CA ILE A 163 2.04 -17.62 12.43
C ILE A 163 1.79 -16.96 11.09
N HIS A 164 2.22 -15.71 10.92
CA HIS A 164 2.23 -15.05 9.62
C HIS A 164 3.53 -15.26 8.86
N LEU A 165 4.35 -16.22 9.30
CA LEU A 165 5.52 -16.77 8.62
C LEU A 165 6.74 -15.87 8.66
N TYR A 166 6.79 -14.89 9.56
CA TYR A 166 7.97 -14.06 9.71
C TYR A 166 8.89 -14.58 10.80
N GLU A 167 10.18 -14.34 10.64
CA GLU A 167 11.20 -14.90 11.52
C GLU A 167 12.28 -13.84 11.75
N ASP A 168 13.26 -14.21 12.59
CA ASP A 168 14.35 -13.31 12.99
C ASP A 168 13.79 -11.99 13.53
N ILE A 169 12.76 -12.11 14.37
CA ILE A 169 12.14 -10.92 14.95
C ILE A 169 13.09 -10.30 15.98
N HIS A 170 13.35 -9.01 15.82
CA HIS A 170 14.09 -8.28 16.83
C HIS A 170 13.52 -6.87 16.92
N PHE A 171 13.66 -6.29 18.10
CA PHE A 171 13.11 -4.98 18.43
C PHE A 171 13.94 -4.40 19.56
N GLU A 172 13.61 -3.18 19.97
CA GLU A 172 14.30 -2.52 21.07
C GLU A 172 13.34 -2.27 22.22
N PHE A 173 13.91 -2.25 23.43
CA PHE A 173 13.18 -1.89 24.63
C PHE A 173 13.41 -0.42 24.96
N TYR A 174 12.69 0.05 25.98
CA TYR A 174 12.88 1.41 26.46
C TYR A 174 14.32 1.63 26.92
N ASP A 175 14.92 0.62 27.53
CA ASP A 175 16.27 0.73 28.08
C ASP A 175 17.36 0.29 27.12
N THR A 176 17.01 -0.34 26.00
CA THR A 176 17.97 -0.74 24.98
C THR A 176 17.91 0.15 23.75
N TYR A 177 17.24 1.31 23.85
CA TYR A 177 17.08 2.19 22.71
C TYR A 177 18.43 2.61 22.15
N SER A 178 18.55 2.58 20.82
CA SER A 178 19.84 2.72 20.17
C SER A 178 20.51 4.04 20.50
N TYR A 179 19.75 5.14 20.46
CA TYR A 179 20.34 6.45 20.64
C TYR A 179 20.69 6.74 22.09
N LYS A 180 20.16 5.97 23.04
CA LYS A 180 20.65 6.06 24.41
C LYS A 180 22.11 5.65 24.50
N GLN A 181 22.55 4.74 23.62
CA GLN A 181 23.94 4.30 23.58
C GLN A 181 24.84 5.23 22.77
N LYS A 182 24.24 6.07 21.94
CA LYS A 182 25.00 6.99 21.11
C LYS A 182 25.29 8.31 21.82
N PHE A 183 24.29 8.84 22.51
CA PHE A 183 24.47 10.11 23.23
C PHE A 183 24.46 9.86 24.72
N VAL A 184 25.18 8.83 25.16
CA VAL A 184 25.19 8.48 26.58
C VAL A 184 25.49 9.65 27.48
N ASP A 185 24.87 9.65 28.66
CA ASP A 185 25.10 10.72 29.62
C ASP A 185 24.47 12.04 29.18
N SER A 186 23.84 12.06 28.01
CA SER A 186 23.15 13.27 27.56
C SER A 186 21.77 13.03 26.98
N PHE A 187 21.42 11.77 26.76
CA PHE A 187 20.14 11.46 26.13
C PHE A 187 18.97 11.98 26.96
N ASP A 188 18.96 11.69 28.26
CA ASP A 188 17.86 12.10 29.10
C ASP A 188 17.68 13.61 29.06
N LYS A 189 18.78 14.36 29.12
CA LYS A 189 18.65 15.81 29.02
C LYS A 189 18.13 16.22 27.64
N ILE A 190 18.63 15.55 26.59
CA ILE A 190 18.17 15.84 25.23
C ILE A 190 16.69 15.51 25.09
N SER A 191 16.31 14.30 25.51
CA SER A 191 14.93 13.86 25.34
C SER A 191 13.97 14.69 26.18
N GLN A 192 14.36 15.00 27.42
CA GLN A 192 13.50 15.83 28.26
C GLN A 192 13.33 17.23 27.68
N GLU A 193 14.40 17.80 27.12
CA GLU A 193 14.30 19.12 26.53
C GLU A 193 13.36 19.14 25.33
N ILE A 194 13.46 18.13 24.48
CA ILE A 194 12.54 18.02 23.35
C ILE A 194 11.12 17.78 23.84
N GLU A 195 10.96 16.93 24.87
CA GLU A 195 9.62 16.64 25.38
C GLU A 195 8.96 17.89 25.95
N LYS A 196 9.74 18.74 26.62
CA LYS A 196 9.19 19.98 27.16
C LYS A 196 8.71 20.90 26.03
N ALA A 197 9.47 20.97 24.94
CA ALA A 197 9.09 21.84 23.83
C ALA A 197 7.77 21.37 23.20
N ILE A 198 7.64 20.06 22.97
CA ILE A 198 6.43 19.54 22.34
C ILE A 198 5.23 19.73 23.24
N LYS A 199 5.40 19.52 24.55
CA LYS A 199 4.29 19.69 25.48
C LYS A 199 3.97 21.15 25.73
N ASP A 200 4.84 22.08 25.34
CA ASP A 200 4.54 23.49 25.33
C ASP A 200 4.09 23.97 23.94
N ASP A 201 3.56 23.04 23.12
CA ASP A 201 2.98 23.35 21.83
C ASP A 201 3.97 24.00 20.87
N LYS A 202 5.25 23.64 21.00
CA LYS A 202 6.30 24.17 20.12
C LYS A 202 6.65 23.20 19.00
N GLY A 203 5.88 22.12 18.83
CA GLY A 203 6.19 21.15 17.79
C GLY A 203 6.12 21.74 16.40
N GLU A 204 5.16 22.65 16.17
CA GLU A 204 5.04 23.29 14.86
C GLU A 204 6.23 24.19 14.58
N ASP A 205 6.73 24.88 15.62
CA ASP A 205 7.91 25.72 15.44
C ASP A 205 9.16 24.88 15.22
N PHE A 206 9.24 23.72 15.87
CA PHE A 206 10.39 22.84 15.68
C PHE A 206 10.45 22.31 14.26
N VAL A 207 9.30 21.92 13.71
CA VAL A 207 9.26 21.34 12.36
C VAL A 207 9.68 22.37 11.32
N LYS A 208 9.20 23.61 11.46
CA LYS A 208 9.56 24.65 10.50
C LYS A 208 11.05 24.96 10.53
N TRP A 209 11.64 24.96 11.73
CA TRP A 209 13.09 25.15 11.82
C TRP A 209 13.85 23.95 11.28
N LEU A 210 13.27 22.76 11.39
CA LEU A 210 13.90 21.58 10.83
C LEU A 210 13.89 21.64 9.30
N GLU A 211 12.79 22.11 8.72
CA GLU A 211 12.74 22.29 7.27
C GLU A 211 13.70 23.39 6.84
N ASP A 212 13.63 24.55 7.49
CA ASP A 212 14.52 25.67 7.20
C ASP A 212 14.94 26.31 8.52
N PRO A 213 16.24 26.41 8.79
CA PRO A 213 17.38 26.11 7.93
C PRO A 213 18.06 24.76 8.19
N PHE A 214 17.51 23.88 9.03
CA PHE A 214 18.25 22.68 9.44
C PHE A 214 18.54 21.77 8.26
N ARG A 215 17.50 21.33 7.55
CA ARG A 215 17.69 20.46 6.39
C ARG A 215 18.36 21.15 5.21
N LYS A 216 18.47 22.47 5.23
CA LYS A 216 19.16 23.18 4.17
C LYS A 216 20.68 23.14 4.35
N ILE A 217 21.15 22.87 5.55
CA ILE A 217 22.58 22.84 5.85
C ILE A 217 23.11 21.42 5.95
N PHE A 218 22.37 20.54 6.63
CA PHE A 218 22.84 19.19 6.92
C PHE A 218 22.24 18.12 6.00
N LYS A 219 21.38 18.51 5.06
CA LYS A 219 20.79 17.57 4.10
C LYS A 219 21.00 18.13 2.70
N GLY A 220 22.06 17.65 2.03
CA GLY A 220 22.35 18.09 0.67
C GLY A 220 22.48 16.94 -0.29
N GLU A 221 23.69 16.41 -0.43
CA GLU A 221 23.96 15.26 -1.26
C GLU A 221 24.25 14.04 -0.40
N ASN A 222 24.39 12.89 -1.05
CA ASN A 222 24.78 11.68 -0.34
C ASN A 222 26.18 11.83 0.22
N LYS A 223 26.40 11.26 1.40
CA LYS A 223 27.67 11.30 2.12
C LYS A 223 28.11 12.74 2.43
N LEU A 224 27.16 13.67 2.50
CA LEU A 224 27.48 15.05 2.83
C LEU A 224 28.13 15.17 4.20
N LEU A 225 27.54 14.51 5.20
CA LEU A 225 28.03 14.55 6.56
C LEU A 225 29.11 13.50 6.84
N GLU A 226 29.64 12.86 5.79
CA GLU A 226 30.69 11.87 5.94
C GLU A 226 32.03 12.28 5.30
N LYS A 227 32.01 13.18 4.34
CA LYS A 227 33.22 13.69 3.71
C LYS A 227 33.40 15.15 4.10
N THR A 228 34.53 15.47 4.75
CA THR A 228 34.78 16.83 5.21
C THR A 228 34.77 17.82 4.06
N ALA A 229 35.30 17.42 2.90
CA ALA A 229 35.31 18.32 1.75
C ALA A 229 33.89 18.56 1.24
N LYS A 230 33.09 17.50 1.12
CA LYS A 230 31.70 17.67 0.66
C LYS A 230 30.94 18.65 1.55
N PHE A 231 31.13 18.57 2.86
CA PHE A 231 30.43 19.46 3.77
C PHE A 231 30.95 20.88 3.66
N LYS A 232 32.28 21.04 3.59
CA LYS A 232 32.87 22.37 3.48
C LYS A 232 32.45 23.06 2.20
N LYS A 233 32.46 22.34 1.07
CA LYS A 233 31.98 22.92 -0.18
C LYS A 233 30.52 23.33 -0.07
N HIS A 234 29.70 22.49 0.57
CA HIS A 234 28.29 22.82 0.73
C HIS A 234 28.12 24.07 1.59
N ILE A 235 28.93 24.20 2.65
CA ILE A 235 28.84 25.37 3.51
C ILE A 235 29.27 26.63 2.76
N GLU A 236 30.32 26.53 1.94
CA GLU A 236 30.77 27.68 1.16
C GLU A 236 29.67 28.16 0.22
N LYS A 237 29.11 27.25 -0.56
CA LYS A 237 28.07 27.63 -1.50
C LYS A 237 26.87 28.22 -0.77
N LEU A 238 26.70 27.84 0.49
CA LEU A 238 25.58 28.37 1.25
C LEU A 238 25.88 29.81 1.63
N LEU A 239 27.15 30.16 1.67
CA LEU A 239 27.55 31.52 2.02
C LEU A 239 27.64 32.35 0.77
N LYS A 240 26.85 32.01 -0.24
CA LYS A 240 26.82 32.83 -1.44
C LYS A 240 25.60 33.74 -1.40
N ASP A 241 24.78 33.59 -0.37
CA ASP A 241 23.60 34.43 -0.22
C ASP A 241 23.72 35.39 0.95
N ASN A 242 24.86 35.38 1.63
CA ASN A 242 25.10 36.33 2.70
C ASN A 242 24.08 36.28 3.83
N ASP A 243 23.37 37.38 4.09
CA ASP A 243 22.41 37.42 5.18
C ASP A 243 21.25 36.46 4.89
N SER A 244 20.99 36.20 3.63
CA SER A 244 19.92 35.28 3.23
C SER A 244 20.34 33.83 3.38
N SER A 245 21.63 33.61 3.60
CA SER A 245 22.14 32.25 3.71
C SER A 245 21.57 31.54 4.89
N PRO A 246 21.35 30.23 4.73
CA PRO A 246 20.72 29.47 5.82
C PRO A 246 21.57 29.42 7.08
N ILE A 247 22.88 29.57 6.98
CA ILE A 247 23.73 29.60 8.16
C ILE A 247 23.42 30.83 9.00
N VAL A 248 22.99 31.93 8.36
CA VAL A 248 22.60 33.12 9.11
C VAL A 248 21.30 32.88 9.86
N LYS A 249 20.32 32.26 9.21
CA LYS A 249 19.09 31.88 9.90
C LYS A 249 19.39 30.96 11.08
N PHE A 250 20.37 30.07 10.92
CA PHE A 250 20.76 29.19 12.01
C PHE A 250 21.39 29.97 13.15
N ASN A 251 22.24 30.95 12.83
CA ASN A 251 22.98 31.67 13.86
C ASN A 251 22.11 32.70 14.57
N GLU A 252 21.32 33.47 13.83
CA GLU A 252 20.59 34.61 14.38
C GLU A 252 19.14 34.29 14.72
N LYS A 253 18.41 33.67 13.79
CA LYS A 253 16.96 33.49 13.91
C LYS A 253 16.58 32.10 14.41
N THR A 254 17.29 31.56 15.39
CA THR A 254 16.96 30.25 15.95
C THR A 254 16.35 30.43 17.32
N PRO A 255 15.16 29.90 17.58
CA PRO A 255 14.51 30.10 18.88
C PRO A 255 15.32 29.53 20.03
N GLN A 256 14.99 29.99 21.23
CA GLN A 256 15.79 29.66 22.41
C GLN A 256 15.62 28.19 22.81
N PHE A 257 14.42 27.64 22.65
CA PHE A 257 14.21 26.24 23.02
C PHE A 257 14.97 25.31 22.07
N ILE A 258 15.22 25.75 20.84
CA ILE A 258 16.00 24.95 19.91
C ILE A 258 17.48 24.99 20.27
N TRP A 259 17.98 26.17 20.65
CA TRP A 259 19.35 26.26 21.16
C TRP A 259 19.53 25.36 22.37
N ASP A 260 18.56 25.33 23.28
CA ASP A 260 18.68 24.51 24.48
C ASP A 260 18.69 23.02 24.10
N ILE A 261 17.95 22.64 23.07
CA ILE A 261 18.00 21.27 22.58
C ILE A 261 19.37 20.99 21.97
N LEU A 262 19.89 21.93 21.16
CA LEU A 262 21.19 21.73 20.54
C LEU A 262 22.30 21.63 21.59
N ASN A 263 22.20 22.41 22.66
CA ASN A 263 23.22 22.44 23.70
C ASN A 263 23.08 21.31 24.70
N ALA A 264 21.99 20.55 24.66
CA ALA A 264 21.87 19.37 25.50
C ALA A 264 22.71 18.20 24.99
N PHE A 265 23.19 18.26 23.75
CA PHE A 265 24.04 17.23 23.20
C PHE A 265 25.46 17.33 23.78
N PRO A 266 26.21 16.23 23.77
CA PRO A 266 27.62 16.31 24.18
C PRO A 266 28.39 17.26 23.27
N GLU A 267 29.38 17.93 23.87
CA GLU A 267 30.14 18.94 23.12
C GLU A 267 30.78 18.35 21.88
N GLY A 268 31.28 17.11 21.96
CA GLY A 268 31.83 16.45 20.80
C GLY A 268 30.80 16.00 19.79
N LYS A 269 29.51 16.07 20.13
CA LYS A 269 28.44 15.71 19.20
C LYS A 269 27.53 16.89 18.90
N LYS A 270 27.94 18.10 19.23
CA LYS A 270 27.13 19.29 18.98
C LYS A 270 27.28 19.76 17.53
N LEU A 271 26.18 20.30 17.02
CA LEU A 271 26.16 20.95 15.71
C LEU A 271 26.47 22.44 15.80
N ASN A 272 26.60 22.97 17.02
CA ASN A 272 26.76 24.40 17.25
C ASN A 272 28.16 24.68 17.79
N ASP A 273 28.82 25.68 17.21
CA ASP A 273 30.13 26.13 17.68
C ASP A 273 29.88 27.27 18.67
N GLY A 274 29.71 26.92 19.94
CA GLY A 274 29.31 27.88 20.93
C GLY A 274 27.87 28.31 20.73
N GLN A 275 27.66 29.47 20.11
CA GLN A 275 26.33 29.91 19.72
C GLN A 275 26.27 30.21 18.22
N LYS A 276 27.02 29.46 17.42
CA LYS A 276 27.04 29.65 15.98
C LYS A 276 27.16 28.29 15.30
N LEU A 277 27.08 28.29 13.97
CA LEU A 277 27.20 27.07 13.19
C LEU A 277 28.66 26.67 13.07
N TRP A 278 28.96 25.41 13.39
CA TRP A 278 30.33 24.92 13.33
C TRP A 278 30.74 24.65 11.88
N ILE A 279 31.79 25.31 11.44
CA ILE A 279 32.39 25.08 10.12
C ILE A 279 33.68 24.30 10.31
N PRO A 280 33.81 23.10 9.74
CA PRO A 280 35.02 22.30 9.98
C PRO A 280 36.19 22.82 9.16
N ASP A 281 37.34 22.96 9.82
CA ASP A 281 38.57 23.22 9.10
C ASP A 281 38.95 21.98 8.27
N ASP A 282 39.75 22.20 7.23
CA ASP A 282 40.18 21.11 6.37
C ASP A 282 40.99 20.07 7.13
N LYS A 283 41.51 20.41 8.31
CA LYS A 283 42.22 19.45 9.14
C LYS A 283 41.29 18.41 9.75
N ILE A 284 40.00 18.70 9.89
CA ILE A 284 39.05 17.77 10.48
C ILE A 284 38.94 16.54 9.60
N THR A 285 39.21 15.36 10.18
CA THR A 285 39.14 14.13 9.42
C THR A 285 37.70 13.75 9.13
N ASN A 286 37.52 12.87 8.14
CA ASN A 286 36.18 12.46 7.74
C ASN A 286 35.47 11.68 8.84
N ASP A 287 36.21 10.86 9.59
CA ASP A 287 35.58 10.14 10.70
C ASP A 287 35.25 11.07 11.86
N ASN A 288 36.03 12.13 12.04
CA ASN A 288 35.75 13.09 13.11
C ASN A 288 34.51 13.92 12.80
N LEU A 289 34.37 14.34 11.54
CA LEU A 289 33.15 15.04 11.13
C LEU A 289 31.93 14.16 11.30
N SER A 290 32.02 12.90 10.84
CA SER A 290 30.87 12.00 10.92
C SER A 290 30.55 11.65 12.37
N SER A 291 31.58 11.44 13.20
CA SER A 291 31.34 11.07 14.59
C SER A 291 30.75 12.21 15.40
N ARG A 292 30.80 13.43 14.90
CA ARG A 292 30.26 14.60 15.60
C ARG A 292 28.88 15.00 15.10
N VAL A 293 28.60 14.82 13.81
CA VAL A 293 27.42 15.39 13.17
C VAL A 293 26.39 14.33 12.80
N LYS A 294 26.85 13.16 12.33
CA LYS A 294 25.94 12.21 11.69
C LYS A 294 24.84 11.74 12.64
N ASP A 295 25.22 11.23 13.82
CA ASP A 295 24.23 10.74 14.76
C ASP A 295 23.31 11.86 15.24
N THR A 296 23.87 13.06 15.44
CA THR A 296 23.07 14.17 15.94
C THR A 296 22.05 14.63 14.90
N VAL A 297 22.44 14.68 13.63
CA VAL A 297 21.54 15.15 12.59
C VAL A 297 20.39 14.15 12.39
N GLU A 298 20.72 12.87 12.29
CA GLU A 298 19.70 11.86 12.04
C GLU A 298 18.67 11.81 13.17
N PHE A 299 19.12 11.98 14.40
CA PHE A 299 18.19 12.00 15.53
C PHE A 299 17.27 13.19 15.47
N LEU A 300 17.80 14.38 15.26
CA LEU A 300 16.98 15.58 15.22
C LEU A 300 16.11 15.69 13.97
N ASN A 301 16.49 15.01 12.90
CA ASN A 301 15.74 15.08 11.66
C ASN A 301 14.60 14.08 11.65
N GLY A 302 14.29 13.50 12.79
CA GLY A 302 13.16 12.60 12.86
C GLY A 302 13.13 11.39 13.78
N LYS A 303 14.28 10.85 14.12
CA LYS A 303 14.32 9.67 14.95
C LYS A 303 13.86 10.08 16.35
N TRP A 304 14.07 11.33 16.70
CA TRP A 304 13.64 11.84 17.99
C TRP A 304 12.15 11.65 18.18
N PHE A 305 11.39 11.88 17.11
CA PHE A 305 9.94 11.75 17.21
C PHE A 305 9.53 10.33 17.51
N GLU A 306 10.31 9.35 17.05
CA GLU A 306 10.04 7.95 17.41
C GLU A 306 10.15 7.77 18.91
N TRP A 307 11.23 8.27 19.51
CA TRP A 307 11.41 8.11 20.95
C TRP A 307 10.36 8.90 21.72
N TYR A 308 10.02 10.10 21.26
CA TYR A 308 9.04 10.92 21.97
C TYR A 308 7.71 10.18 22.10
N VAL A 309 7.17 9.71 20.98
CA VAL A 309 5.88 9.03 21.00
C VAL A 309 5.95 7.76 21.84
N TYR A 310 7.03 6.99 21.70
CA TYR A 310 7.14 5.74 22.44
C TYR A 310 7.20 5.98 23.94
N SER A 311 7.91 7.03 24.36
CA SER A 311 7.97 7.37 25.78
C SER A 311 6.62 7.83 26.30
N GLN A 312 5.84 8.51 25.46
CA GLN A 312 4.51 8.95 25.89
C GLN A 312 3.54 7.79 25.97
N ILE A 313 3.76 6.72 25.20
CA ILE A 313 2.89 5.55 25.22
C ILE A 313 3.21 4.64 26.38
N LYS A 314 4.51 4.39 26.63
CA LYS A 314 4.90 3.46 27.68
C LYS A 314 4.45 3.93 29.06
N SER A 315 4.26 5.23 29.23
CA SER A 315 3.76 5.76 30.49
C SER A 315 2.30 5.43 30.76
N GLU A 316 1.65 4.67 29.88
CA GLU A 316 0.22 4.38 30.03
C GLU A 316 -0.07 2.90 29.85
N LEU A 317 0.57 2.27 28.85
CA LEU A 317 0.26 0.88 28.52
C LEU A 317 0.60 -0.07 29.66
N LEU A 318 1.60 0.27 30.48
CA LEU A 318 1.94 -0.56 31.62
C LEU A 318 0.82 -0.61 32.64
N ASP A 319 0.04 0.48 32.76
CA ASP A 319 -1.13 0.45 33.62
C ASP A 319 -2.18 -0.54 33.11
N ARG A 320 -2.15 -0.81 31.81
CA ARG A 320 -3.10 -1.72 31.17
C ARG A 320 -2.56 -3.14 31.06
N LYS A 321 -1.55 -3.48 31.86
CA LYS A 321 -0.98 -4.83 32.00
C LYS A 321 -0.26 -5.31 30.75
N LEU A 322 -0.02 -4.45 29.77
CA LEU A 322 0.77 -4.85 28.60
C LEU A 322 2.24 -4.93 28.98
N LYS A 323 2.92 -5.95 28.47
CA LYS A 323 4.32 -6.19 28.78
C LYS A 323 5.19 -5.76 27.60
N GLU A 324 6.21 -4.95 27.90
CA GLU A 324 7.15 -4.53 26.87
C GLU A 324 7.95 -5.73 26.37
N GLY A 325 8.12 -5.81 25.06
CA GLY A 325 8.75 -6.95 24.43
C GLY A 325 7.79 -8.05 24.05
N GLU A 326 6.63 -8.10 24.68
CA GLU A 326 5.56 -9.05 24.34
C GLU A 326 4.40 -8.39 23.62
N HIS A 327 3.98 -7.19 24.07
CA HIS A 327 2.79 -6.54 23.52
C HIS A 327 3.06 -5.14 22.97
N PHE A 328 4.25 -4.58 23.19
CA PHE A 328 4.60 -3.30 22.58
C PHE A 328 6.12 -3.15 22.60
N GLY A 329 6.61 -2.36 21.65
CA GLY A 329 8.04 -2.13 21.52
C GLY A 329 8.30 -1.16 20.39
N ILE A 330 9.60 -0.86 20.19
CA ILE A 330 10.02 0.13 19.22
C ILE A 330 11.03 -0.50 18.27
N SER A 331 11.00 -0.02 17.01
CA SER A 331 11.94 -0.45 15.96
C SER A 331 11.85 -1.96 15.71
N LEU A 332 10.65 -2.41 15.39
CA LEU A 332 10.44 -3.81 15.07
C LEU A 332 10.96 -4.13 13.68
N LYS A 333 11.64 -5.27 13.56
CA LYS A 333 12.22 -5.72 12.31
C LYS A 333 12.08 -7.24 12.22
N ALA A 334 11.74 -7.73 11.03
CA ALA A 334 11.62 -9.16 10.79
C ALA A 334 11.62 -9.39 9.28
N GLN A 335 11.65 -10.67 8.91
CA GLN A 335 11.72 -11.04 7.51
C GLN A 335 11.00 -12.36 7.29
N LYS A 336 10.51 -12.56 6.07
CA LYS A 336 10.18 -13.91 5.65
C LYS A 336 11.44 -14.60 5.16
N LYS A 337 11.36 -15.92 5.00
CA LYS A 337 12.55 -16.72 4.71
C LYS A 337 13.19 -16.28 3.41
N ASP A 338 14.48 -15.93 3.50
CA ASP A 338 15.28 -15.51 2.34
C ASP A 338 14.64 -14.30 1.65
N SER A 339 14.07 -13.41 2.44
CA SER A 339 13.33 -12.26 1.95
C SER A 339 13.78 -11.01 2.70
N PRO A 340 13.61 -9.84 2.10
CA PRO A 340 14.09 -8.61 2.76
C PRO A 340 13.34 -8.33 4.05
N TYR A 341 13.99 -7.54 4.92
CA TYR A 341 13.43 -7.13 6.20
C TYR A 341 12.56 -5.89 6.05
N PHE A 342 11.55 -5.81 6.90
CA PHE A 342 10.77 -4.59 7.05
C PHE A 342 11.18 -3.87 8.33
N ALA A 343 10.86 -2.58 8.38
CA ALA A 343 11.09 -1.76 9.57
C ALA A 343 9.77 -1.12 9.98
N LEU A 344 9.42 -1.24 11.26
CA LEU A 344 8.21 -0.65 11.81
C LEU A 344 8.58 0.13 13.06
N ASP A 345 8.17 1.40 13.10
CA ASP A 345 8.61 2.29 14.18
C ASP A 345 8.13 1.80 15.54
N ILE A 346 6.84 1.57 15.69
CA ILE A 346 6.26 1.12 16.95
C ILE A 346 5.21 0.06 16.66
N PHE A 347 5.20 -1.01 17.46
CA PHE A 347 4.13 -2.00 17.41
C PHE A 347 3.40 -2.03 18.74
N LEU A 348 2.14 -2.46 18.70
CA LEU A 348 1.28 -2.51 19.87
C LEU A 348 0.23 -3.58 19.64
N ILE A 349 0.07 -4.49 20.60
CA ILE A 349 -0.94 -5.54 20.53
C ILE A 349 -1.96 -5.31 21.63
N ASN A 350 -3.21 -5.08 21.23
CA ASN A 350 -4.34 -4.92 22.15
C ASN A 350 -5.20 -6.18 22.03
N GLY A 351 -5.13 -7.04 23.04
CA GLY A 351 -5.78 -8.33 22.95
C GLY A 351 -5.11 -9.21 21.91
N TYR A 352 -5.74 -9.32 20.73
CA TYR A 352 -5.12 -10.02 19.61
C TYR A 352 -5.22 -9.20 18.32
N GLN A 353 -5.29 -7.87 18.45
CA GLN A 353 -5.21 -6.97 17.31
C GLN A 353 -3.88 -6.24 17.32
N LEU A 354 -3.16 -6.31 16.20
CA LEU A 354 -1.92 -5.57 16.05
C LEU A 354 -2.22 -4.13 15.67
N ILE A 355 -1.50 -3.20 16.30
CA ILE A 355 -1.58 -1.78 15.99
C ILE A 355 -0.17 -1.33 15.63
N GLY A 356 0.07 -1.11 14.34
CA GLY A 356 1.33 -0.57 13.88
C GLY A 356 1.26 0.95 13.77
N ILE A 357 2.29 1.62 14.26
CA ILE A 357 2.36 3.07 14.29
C ILE A 357 3.59 3.50 13.48
N SER A 358 3.35 4.26 12.42
CA SER A 358 4.42 4.86 11.63
C SER A 358 4.53 6.33 11.98
N LEU A 359 5.76 6.81 12.15
CA LEU A 359 6.02 8.15 12.64
C LEU A 359 6.87 8.93 11.64
N THR A 360 6.46 10.16 11.36
CA THR A 360 7.25 11.07 10.52
C THR A 360 6.95 12.51 10.95
N THR A 361 7.98 13.35 10.90
CA THR A 361 7.86 14.77 11.17
C THR A 361 7.50 15.57 9.92
N SER A 362 7.25 14.90 8.81
CA SER A 362 6.96 15.57 7.56
C SER A 362 5.59 16.24 7.59
N SER A 363 5.53 17.45 7.06
CA SER A 363 4.27 18.15 6.84
C SER A 363 3.83 18.09 5.38
N THR A 364 4.50 17.28 4.57
CA THR A 364 4.27 17.25 3.13
C THR A 364 3.28 16.14 2.79
N ARG A 365 2.37 16.45 1.86
CA ARG A 365 1.29 15.52 1.54
C ARG A 365 1.82 14.31 0.77
N GLU A 366 2.77 14.52 -0.12
CA GLU A 366 3.28 13.41 -0.91
C GLU A 366 3.92 12.33 -0.03
N LEU A 367 4.88 12.72 0.79
CA LEU A 367 5.57 11.75 1.64
C LEU A 367 4.65 11.09 2.66
N CYS A 368 3.78 11.88 3.29
CA CYS A 368 2.87 11.33 4.29
C CYS A 368 1.92 10.31 3.67
N LYS A 369 1.45 10.59 2.45
CA LYS A 369 0.57 9.64 1.77
C LYS A 369 1.30 8.34 1.51
N LEU A 370 2.53 8.44 1.03
CA LEU A 370 3.32 7.25 0.77
C LEU A 370 3.57 6.50 2.07
N LYS A 371 3.86 7.24 3.14
CA LYS A 371 4.05 6.61 4.43
C LYS A 371 2.76 5.94 4.87
N GLY A 372 1.62 6.50 4.46
CA GLY A 372 0.35 5.87 4.80
C GLY A 372 0.16 4.55 4.09
N PHE A 373 0.44 4.53 2.78
CA PHE A 373 0.40 3.27 2.02
C PHE A 373 1.27 2.21 2.68
N GLU A 374 2.45 2.60 3.16
CA GLU A 374 3.41 1.64 3.68
C GLU A 374 2.90 0.97 4.95
N VAL A 375 2.43 1.78 5.92
CA VAL A 375 2.02 1.22 7.20
C VAL A 375 0.74 0.39 7.06
N ILE A 376 -0.12 0.75 6.11
CA ILE A 376 -1.31 -0.04 5.86
C ILE A 376 -0.93 -1.44 5.37
N HIS A 377 0.06 -1.52 4.48
CA HIS A 377 0.45 -2.82 3.92
C HIS A 377 1.24 -3.65 4.93
N ARG A 378 2.07 -3.00 5.74
CA ARG A 378 2.94 -3.74 6.67
C ARG A 378 2.12 -4.48 7.72
N VAL A 379 1.22 -3.77 8.40
CA VAL A 379 0.41 -4.39 9.45
C VAL A 379 -0.43 -5.53 8.86
N ARG A 380 -0.81 -5.41 7.60
CA ARG A 380 -1.53 -6.50 6.93
C ARG A 380 -0.64 -7.72 6.76
N GLN A 381 0.63 -7.50 6.39
CA GLN A 381 1.54 -8.62 6.15
C GLN A 381 1.86 -9.38 7.43
N ILE A 382 2.08 -8.66 8.53
CA ILE A 382 2.59 -9.28 9.75
C ILE A 382 1.52 -9.56 10.79
N GLY A 383 0.33 -8.96 10.66
CA GLY A 383 -0.69 -9.13 11.69
C GLY A 383 -2.05 -9.53 11.18
N GLY A 384 -2.18 -9.69 9.86
CA GLY A 384 -3.44 -10.10 9.28
C GLY A 384 -4.26 -8.94 8.74
N ASP A 385 -5.40 -9.30 8.16
CA ASP A 385 -6.25 -8.32 7.48
C ASP A 385 -7.06 -7.45 8.44
N GLU A 386 -7.08 -7.76 9.73
CA GLU A 386 -7.85 -7.00 10.70
C GLU A 386 -6.96 -6.12 11.58
N SER A 387 -5.72 -5.88 11.17
CA SER A 387 -4.80 -5.04 11.91
C SER A 387 -5.16 -3.57 11.73
N LYS A 388 -4.68 -2.75 12.66
CA LYS A 388 -4.90 -1.30 12.62
C LYS A 388 -3.58 -0.60 12.34
N ALA A 389 -3.61 0.35 11.41
CA ALA A 389 -2.45 1.17 11.08
C ALA A 389 -2.69 2.60 11.54
N ILE A 390 -1.70 3.18 12.22
CA ILE A 390 -1.76 4.56 12.68
C ILE A 390 -0.56 5.30 12.11
N LEU A 391 -0.81 6.45 11.49
CA LEU A 391 0.23 7.32 10.95
C LEU A 391 0.19 8.65 11.66
N ILE A 392 1.32 9.05 12.24
CA ILE A 392 1.44 10.30 12.99
C ILE A 392 2.38 11.20 12.23
N THR A 393 1.87 12.36 11.79
CA THR A 393 2.57 13.27 10.90
C THR A 393 2.70 14.65 11.55
N GLY A 394 3.37 15.55 10.83
CA GLY A 394 3.46 16.93 11.24
C GLY A 394 2.57 17.82 10.40
N MET A 395 1.50 17.25 9.86
CA MET A 395 0.54 17.98 9.05
C MET A 395 -0.54 18.61 9.93
N ASP A 396 -1.15 19.66 9.41
CA ASP A 396 -2.25 20.29 10.14
C ASP A 396 -3.50 19.43 10.06
N LYS A 397 -4.53 19.85 10.80
CA LYS A 397 -5.74 19.04 10.95
C LYS A 397 -6.41 18.79 9.60
N SER A 398 -6.42 19.78 8.71
CA SER A 398 -7.11 19.63 7.44
C SER A 398 -6.43 18.60 6.54
N LYS A 399 -5.09 18.62 6.49
CA LYS A 399 -4.38 17.67 5.65
C LYS A 399 -4.54 16.24 6.15
N THR A 400 -4.61 16.06 7.47
CA THR A 400 -4.74 14.70 8.02
C THR A 400 -6.11 14.10 7.71
N GLU A 401 -7.16 14.93 7.77
CA GLU A 401 -8.49 14.44 7.41
C GLU A 401 -8.56 14.09 5.93
N ASP A 402 -7.90 14.89 5.07
CA ASP A 402 -7.87 14.59 3.65
C ASP A 402 -7.14 13.27 3.38
N LEU A 403 -6.02 13.06 4.07
CA LEU A 403 -5.25 11.85 3.85
C LEU A 403 -6.01 10.61 4.29
N GLN A 404 -6.69 10.71 5.43
CA GLN A 404 -7.47 9.58 5.92
C GLN A 404 -8.50 9.17 4.90
N LYS A 405 -9.23 10.14 4.35
CA LYS A 405 -10.23 9.84 3.34
C LYS A 405 -9.59 9.27 2.08
N ASP A 406 -8.46 9.83 1.69
CA ASP A 406 -7.79 9.39 0.47
C ASP A 406 -7.35 7.94 0.52
N LEU A 407 -6.89 7.48 1.68
CA LEU A 407 -6.37 6.12 1.78
C LEU A 407 -7.35 5.14 2.40
N ALA A 408 -8.54 5.61 2.78
CA ALA A 408 -9.51 4.73 3.42
C ALA A 408 -9.94 3.62 2.48
N TYR A 409 -10.02 2.40 3.02
CA TYR A 409 -10.50 1.23 2.30
C TYR A 409 -11.62 0.60 3.12
N GLU A 410 -12.65 0.12 2.43
CA GLU A 410 -13.83 -0.42 3.09
C GLU A 410 -13.57 -1.86 3.50
N THR A 411 -13.69 -2.14 4.80
CA THR A 411 -13.48 -3.49 5.32
C THR A 411 -14.77 -4.16 5.81
N GLY A 412 -15.86 -3.41 5.94
CA GLY A 412 -17.10 -3.92 6.51
C GLY A 412 -17.35 -3.49 7.93
N SER A 413 -16.40 -2.79 8.56
CA SER A 413 -16.52 -2.36 9.94
C SER A 413 -16.73 -0.86 10.01
N THR A 414 -17.33 -0.40 11.12
CA THR A 414 -17.50 1.03 11.33
C THR A 414 -16.24 1.68 11.90
N GLN A 415 -15.44 0.92 12.63
CA GLN A 415 -14.20 1.44 13.19
C GLN A 415 -13.13 1.52 12.11
N LYS A 416 -12.32 2.57 12.15
CA LYS A 416 -11.29 2.78 11.16
C LYS A 416 -10.07 1.91 11.45
N ARG A 417 -9.51 1.34 10.39
CA ARG A 417 -8.28 0.57 10.49
C ARG A 417 -7.05 1.38 10.07
N PHE A 418 -7.25 2.59 9.56
CA PHE A 418 -6.16 3.51 9.25
C PHE A 418 -6.48 4.85 9.86
N VAL A 419 -5.60 5.33 10.75
CA VAL A 419 -5.81 6.56 11.50
C VAL A 419 -4.59 7.45 11.31
N VAL A 420 -4.84 8.72 10.99
CA VAL A 420 -3.77 9.71 10.80
C VAL A 420 -3.88 10.76 11.89
N PHE A 421 -2.77 11.04 12.54
CA PHE A 421 -2.66 12.12 13.51
C PHE A 421 -1.74 13.21 12.97
N GLY A 422 -1.89 14.42 13.49
CA GLY A 422 -1.14 15.55 13.00
C GLY A 422 -0.36 16.31 14.06
N ILE A 423 0.17 17.47 13.67
CA ILE A 423 1.03 18.26 14.56
C ILE A 423 0.27 18.70 15.80
N ASP A 424 -1.04 18.92 15.68
CA ASP A 424 -1.85 19.36 16.82
C ASP A 424 -2.04 18.27 17.87
N ASP A 425 -1.70 17.02 17.55
CA ASP A 425 -1.87 15.92 18.49
C ASP A 425 -0.58 15.55 19.21
N TRP A 426 0.53 16.23 18.91
CA TRP A 426 1.82 15.81 19.44
C TRP A 426 1.90 16.00 20.96
N ALA A 427 1.33 17.09 21.47
CA ALA A 427 1.48 17.38 22.90
C ALA A 427 0.79 16.34 23.77
N ASP A 428 -0.37 15.85 23.34
CA ASP A 428 -1.15 14.88 24.09
C ASP A 428 -1.27 13.55 23.36
N ILE A 429 -0.22 13.17 22.62
CA ILE A 429 -0.30 11.99 21.75
C ILE A 429 -0.47 10.71 22.57
N GLY A 430 -0.01 10.72 23.83
CA GLY A 430 -0.13 9.52 24.65
C GLY A 430 -1.58 9.14 24.89
N SER A 431 -2.38 10.10 25.34
CA SER A 431 -3.81 9.84 25.55
C SER A 431 -4.55 9.67 24.22
N LYS A 432 -4.08 10.34 23.16
CA LYS A 432 -4.72 10.20 21.85
C LYS A 432 -4.66 8.76 21.36
N ILE A 433 -3.49 8.14 21.48
CA ILE A 433 -3.34 6.76 21.02
C ILE A 433 -4.05 5.80 21.97
N CYS A 434 -4.08 6.12 23.27
CA CYS A 434 -4.79 5.27 24.22
C CYS A 434 -6.29 5.25 23.92
N GLU A 435 -6.85 6.41 23.56
CA GLU A 435 -8.27 6.45 23.20
C GLU A 435 -8.52 5.74 21.88
N GLU A 436 -7.58 5.84 20.94
CA GLU A 436 -7.79 5.22 19.62
C GLU A 436 -7.63 3.71 19.69
N VAL A 437 -6.63 3.22 20.43
CA VAL A 437 -6.38 1.79 20.48
C VAL A 437 -7.37 1.09 21.39
N PHE A 438 -7.60 1.62 22.59
CA PHE A 438 -8.46 0.96 23.56
C PHE A 438 -9.82 1.65 23.68
N MET B 3 -45.39 -15.54 -14.15
CA MET B 3 -45.60 -16.95 -14.45
C MET B 3 -44.50 -17.81 -13.84
N ASN B 4 -43.69 -18.42 -14.72
CA ASN B 4 -42.55 -19.24 -14.28
C ASN B 4 -41.36 -18.32 -14.03
N GLU B 5 -41.41 -17.65 -12.87
CA GLU B 5 -40.41 -16.65 -12.51
C GLU B 5 -39.22 -17.31 -11.85
N LYS B 6 -38.05 -17.13 -12.45
CA LYS B 6 -36.80 -17.69 -11.93
C LYS B 6 -35.97 -16.60 -11.28
N VAL B 7 -35.37 -16.91 -10.14
CA VAL B 7 -34.71 -15.91 -9.31
C VAL B 7 -33.23 -16.26 -9.17
N LEU B 8 -32.40 -15.20 -9.14
CA LEU B 8 -30.98 -15.30 -8.86
C LEU B 8 -30.69 -14.54 -7.58
N VAL B 9 -29.86 -15.13 -6.71
CA VAL B 9 -29.56 -14.57 -5.40
C VAL B 9 -28.06 -14.33 -5.30
N LEU B 10 -27.68 -13.10 -4.94
CA LEU B 10 -26.29 -12.71 -4.75
C LEU B 10 -26.12 -12.13 -3.35
N ILE B 11 -24.97 -12.40 -2.74
CA ILE B 11 -24.65 -11.90 -1.40
C ILE B 11 -23.70 -10.72 -1.57
N VAL B 12 -24.12 -9.55 -1.09
CA VAL B 12 -23.38 -8.31 -1.31
C VAL B 12 -22.38 -8.15 -0.17
N GLY B 13 -21.12 -8.49 -0.45
CA GLY B 13 -20.02 -8.19 0.43
C GLY B 13 -19.39 -6.85 0.10
N THR B 14 -18.15 -6.68 0.55
CA THR B 14 -17.42 -5.45 0.32
C THR B 14 -16.65 -5.44 -1.00
N ASN B 15 -16.64 -6.55 -1.73
CA ASN B 15 -16.05 -6.61 -3.06
C ASN B 15 -17.16 -6.72 -4.10
N PRO B 16 -17.52 -5.62 -4.76
CA PRO B 16 -18.66 -5.68 -5.70
C PRO B 16 -18.34 -6.38 -7.01
N LEU B 17 -17.07 -6.46 -7.40
CA LEU B 17 -16.73 -6.98 -8.73
C LEU B 17 -17.21 -8.41 -8.97
N PRO B 18 -17.03 -9.37 -8.05
CA PRO B 18 -17.54 -10.73 -8.33
C PRO B 18 -19.04 -10.77 -8.58
N ASN B 19 -19.82 -9.97 -7.85
CA ASN B 19 -21.26 -9.97 -8.06
C ASN B 19 -21.63 -9.34 -9.40
N TYR B 20 -20.86 -8.35 -9.85
CA TYR B 20 -21.11 -7.79 -11.18
C TYR B 20 -20.83 -8.82 -12.26
N VAL B 21 -19.77 -9.61 -12.10
CA VAL B 21 -19.41 -10.61 -13.10
C VAL B 21 -20.46 -11.71 -13.14
N VAL B 22 -20.89 -12.19 -11.96
CA VAL B 22 -21.92 -13.22 -11.91
C VAL B 22 -23.23 -12.69 -12.49
N GLY B 23 -23.59 -11.46 -12.15
CA GLY B 23 -24.82 -10.89 -12.68
C GLY B 23 -24.76 -10.67 -14.18
N SER B 24 -23.63 -10.16 -14.68
CA SER B 24 -23.50 -9.93 -16.12
C SER B 24 -23.64 -11.23 -16.91
N HIS B 25 -23.32 -12.36 -16.31
CA HIS B 25 -23.34 -13.65 -16.99
C HIS B 25 -24.62 -14.44 -16.78
N LEU B 26 -25.42 -14.10 -15.76
CA LEU B 26 -26.60 -14.86 -15.43
C LEU B 26 -27.90 -14.08 -15.51
N LYS B 27 -27.85 -12.78 -15.82
CA LYS B 27 -29.07 -12.00 -15.91
C LYS B 27 -30.01 -12.54 -16.98
N GLU B 28 -29.46 -13.02 -18.10
CA GLU B 28 -30.28 -13.49 -19.20
C GLU B 28 -31.08 -14.73 -18.85
N LYS B 29 -30.69 -15.47 -17.81
CA LYS B 29 -31.28 -16.75 -17.49
C LYS B 29 -32.29 -16.67 -16.36
N TYR B 30 -32.48 -15.50 -15.75
CA TYR B 30 -33.35 -15.37 -14.59
C TYR B 30 -34.24 -14.14 -14.72
N ASP B 31 -35.35 -14.18 -14.01
CA ASP B 31 -36.39 -13.16 -14.08
C ASP B 31 -36.41 -12.23 -12.87
N LYS B 32 -36.03 -12.72 -11.69
CA LYS B 32 -35.95 -11.92 -10.48
C LYS B 32 -34.54 -12.00 -9.91
N PHE B 33 -34.15 -10.96 -9.17
CA PHE B 33 -32.80 -10.85 -8.64
C PHE B 33 -32.89 -10.29 -7.22
N VAL B 34 -32.37 -11.06 -6.26
CA VAL B 34 -32.43 -10.69 -4.85
C VAL B 34 -31.01 -10.40 -4.38
N LEU B 35 -30.77 -9.17 -3.94
CA LEU B 35 -29.47 -8.73 -3.46
C LEU B 35 -29.53 -8.66 -1.93
N ILE B 36 -28.82 -9.58 -1.27
CA ILE B 36 -28.77 -9.65 0.18
C ILE B 36 -27.58 -8.83 0.65
N TYR B 37 -27.84 -7.72 1.33
CA TYR B 37 -26.80 -6.80 1.76
C TYR B 37 -26.87 -6.61 3.26
N SER B 38 -25.88 -5.92 3.80
CA SER B 38 -25.77 -5.69 5.24
C SER B 38 -26.25 -4.28 5.60
N GLU B 39 -26.65 -4.13 6.85
CA GLU B 39 -27.13 -2.86 7.37
C GLU B 39 -26.14 -2.33 8.40
N LYS B 40 -26.02 -1.01 8.47
CA LYS B 40 -25.06 -0.37 9.35
C LYS B 40 -25.55 -0.40 10.79
N ASN B 41 -24.70 -0.89 11.69
CA ASN B 41 -24.97 -0.89 13.13
C ASN B 41 -23.63 -0.69 13.84
N ASP B 42 -23.36 0.54 14.29
CA ASP B 42 -22.11 0.88 14.94
C ASP B 42 -21.90 0.14 16.25
N LYS B 43 -22.99 -0.28 16.93
CA LYS B 43 -22.82 -0.97 18.20
C LYS B 43 -22.08 -2.29 18.03
N ILE B 44 -22.32 -2.98 16.91
CA ILE B 44 -21.61 -4.20 16.59
C ILE B 44 -20.49 -3.95 15.58
N ASN B 45 -20.11 -2.68 15.38
CA ASN B 45 -19.05 -2.29 14.45
C ASN B 45 -19.32 -2.82 13.03
N GLN B 46 -20.60 -2.84 12.65
CA GLN B 46 -21.02 -3.39 11.36
C GLN B 46 -21.35 -2.25 10.41
N ASN B 47 -20.56 -2.12 9.35
CA ASN B 47 -20.86 -1.18 8.29
C ASN B 47 -21.82 -1.82 7.28
N SER B 48 -22.42 -0.98 6.44
CA SER B 48 -23.40 -1.43 5.47
C SER B 48 -22.77 -1.56 4.08
N THR B 49 -23.19 -2.58 3.34
CA THR B 49 -22.79 -2.76 1.96
C THR B 49 -23.89 -2.34 0.99
N TYR B 50 -24.80 -1.47 1.42
CA TYR B 50 -25.93 -1.10 0.56
C TYR B 50 -25.48 -0.26 -0.63
N ASP B 51 -24.45 0.58 -0.44
CA ASP B 51 -23.92 1.36 -1.55
C ASP B 51 -23.43 0.46 -2.69
N TYR B 52 -22.89 -0.70 -2.34
CA TYR B 52 -22.48 -1.64 -3.38
C TYR B 52 -23.69 -2.30 -4.04
N ALA B 53 -24.69 -2.69 -3.24
CA ALA B 53 -25.88 -3.30 -3.80
C ALA B 53 -26.62 -2.33 -4.72
N LYS B 54 -26.62 -1.05 -4.37
CA LYS B 54 -27.24 -0.04 -5.23
C LYS B 54 -26.45 0.11 -6.53
N LYS B 55 -25.12 0.13 -6.44
CA LYS B 55 -24.30 0.15 -7.65
C LYS B 55 -24.50 -1.10 -8.49
N LEU B 56 -24.75 -2.24 -7.84
CA LEU B 56 -25.01 -3.47 -8.59
C LEU B 56 -26.32 -3.39 -9.36
N LYS B 57 -27.34 -2.74 -8.76
CA LYS B 57 -28.60 -2.58 -9.46
C LYS B 57 -28.46 -1.63 -10.64
N GLU B 58 -27.64 -0.58 -10.48
CA GLU B 58 -27.50 0.43 -11.53
C GLU B 58 -26.80 -0.14 -12.75
N HIS B 59 -25.60 -0.69 -12.56
CA HIS B 59 -24.75 -1.12 -13.67
C HIS B 59 -25.10 -2.52 -14.19
N LEU B 60 -26.12 -3.17 -13.62
CA LEU B 60 -26.67 -4.39 -14.19
C LEU B 60 -28.03 -4.19 -14.82
N ASN B 61 -28.64 -3.00 -14.67
CA ASN B 61 -29.93 -2.68 -15.26
C ASN B 61 -31.01 -3.67 -14.80
N LEU B 62 -31.15 -3.81 -13.48
CA LEU B 62 -32.11 -4.76 -12.94
C LEU B 62 -33.47 -4.12 -12.80
N ASN B 63 -33.50 -2.80 -12.62
CA ASN B 63 -34.77 -2.09 -12.50
C ASN B 63 -35.65 -2.67 -11.40
N ASP B 64 -36.92 -2.89 -11.71
CA ASP B 64 -37.85 -3.36 -10.69
C ASP B 64 -37.73 -4.85 -10.41
N LYS B 65 -36.97 -5.55 -11.23
CA LYS B 65 -36.82 -6.97 -11.03
C LYS B 65 -35.76 -7.20 -9.97
N CYS B 66 -35.40 -6.14 -9.25
CA CYS B 66 -34.42 -6.28 -8.17
C CYS B 66 -35.04 -6.16 -6.79
N ILE B 67 -34.71 -7.09 -5.91
CA ILE B 67 -35.23 -7.08 -4.55
C ILE B 67 -34.05 -6.94 -3.61
N PHE B 68 -34.14 -5.95 -2.70
CA PHE B 68 -33.10 -5.70 -1.71
C PHE B 68 -33.51 -6.31 -0.38
N LEU B 69 -32.69 -7.24 0.12
CA LEU B 69 -32.96 -7.94 1.37
C LEU B 69 -31.87 -7.58 2.39
N PRO B 70 -32.15 -6.69 3.33
CA PRO B 70 -31.15 -6.33 4.32
C PRO B 70 -31.06 -7.35 5.45
N LEU B 71 -29.85 -7.48 5.99
CA LEU B 71 -29.57 -8.31 7.14
C LEU B 71 -29.09 -7.44 8.29
N SER B 72 -29.61 -7.69 9.49
CA SER B 72 -29.26 -6.85 10.63
C SER B 72 -27.88 -7.20 11.21
N ASP B 73 -27.52 -8.47 11.23
CA ASP B 73 -26.25 -8.90 11.82
C ASP B 73 -25.68 -9.99 10.93
N VAL B 74 -24.52 -9.74 10.33
CA VAL B 74 -23.98 -10.60 9.28
C VAL B 74 -23.19 -11.72 9.94
N SER B 75 -23.14 -11.67 11.28
CA SER B 75 -22.38 -12.62 12.08
C SER B 75 -23.25 -13.35 13.11
N ASN B 76 -24.57 -13.15 13.08
CA ASN B 76 -25.49 -13.82 14.00
C ASN B 76 -26.37 -14.76 13.19
N SER B 77 -26.26 -16.06 13.46
CA SER B 77 -27.04 -17.05 12.74
C SER B 77 -28.53 -16.83 12.93
N GLU B 78 -28.96 -16.55 14.16
CA GLU B 78 -30.38 -16.44 14.46
C GLU B 78 -30.99 -15.22 13.78
N LYS B 79 -30.37 -14.06 13.94
CA LYS B 79 -30.93 -12.84 13.37
C LYS B 79 -30.97 -12.89 11.85
N ILE B 80 -29.99 -13.57 11.23
CA ILE B 80 -30.03 -13.75 9.78
C ILE B 80 -31.24 -14.58 9.38
N ILE B 81 -31.46 -15.70 10.07
CA ILE B 81 -32.56 -16.59 9.74
C ILE B 81 -33.90 -15.87 9.87
N ASN B 82 -34.05 -15.07 10.92
CA ASN B 82 -35.30 -14.33 11.12
C ASN B 82 -35.48 -13.26 10.05
N ASP B 83 -34.42 -12.51 9.75
CA ASP B 83 -34.51 -11.48 8.73
C ASP B 83 -34.79 -12.08 7.35
N LEU B 84 -34.25 -13.26 7.08
CA LEU B 84 -34.46 -13.90 5.78
C LEU B 84 -35.90 -14.37 5.63
N ARG B 85 -36.47 -14.96 6.69
CA ARG B 85 -37.83 -15.50 6.59
C ARG B 85 -38.86 -14.40 6.37
N GLU B 86 -38.67 -13.25 7.02
CA GLU B 86 -39.62 -12.16 6.91
C GLU B 86 -39.41 -11.30 5.66
N LYS B 87 -38.37 -11.58 4.86
CA LYS B 87 -38.05 -10.72 3.73
C LYS B 87 -37.65 -11.44 2.45
N PHE B 88 -37.52 -12.76 2.44
CA PHE B 88 -37.27 -13.36 1.13
C PHE B 88 -38.58 -13.51 0.38
N PRO B 89 -38.59 -13.27 -0.93
CA PRO B 89 -39.83 -13.39 -1.71
C PRO B 89 -40.41 -14.81 -1.63
N SER B 90 -41.62 -14.89 -1.07
CA SER B 90 -42.32 -16.16 -0.95
C SER B 90 -43.02 -16.58 -2.23
N GLU B 91 -42.99 -15.74 -3.27
CA GLU B 91 -43.59 -16.08 -4.55
C GLU B 91 -43.01 -17.39 -5.07
N ASP B 92 -43.89 -18.28 -5.51
CA ASP B 92 -43.47 -19.61 -5.95
C ASP B 92 -42.61 -19.50 -7.21
N PHE B 93 -41.35 -19.93 -7.11
CA PHE B 93 -40.42 -19.91 -8.22
C PHE B 93 -40.17 -21.34 -8.71
N VAL B 94 -39.65 -21.43 -9.93
CA VAL B 94 -39.29 -22.72 -10.51
C VAL B 94 -37.82 -23.05 -10.26
N GLU B 95 -36.93 -22.10 -10.51
CA GLU B 95 -35.50 -22.28 -10.27
C GLU B 95 -35.00 -21.17 -9.36
N VAL B 96 -34.25 -21.56 -8.33
CA VAL B 96 -33.67 -20.63 -7.37
C VAL B 96 -32.17 -20.86 -7.37
N HIS B 97 -31.42 -19.86 -7.84
CA HIS B 97 -29.98 -19.95 -7.99
C HIS B 97 -29.32 -18.96 -7.04
N LEU B 98 -28.52 -19.48 -6.11
CA LEU B 98 -27.77 -18.66 -5.17
C LEU B 98 -26.29 -18.74 -5.51
N ASN B 99 -25.70 -17.60 -5.84
CA ASN B 99 -24.26 -17.46 -5.94
C ASN B 99 -23.76 -16.94 -4.59
N TYR B 100 -23.07 -17.80 -3.85
CA TYR B 100 -22.64 -17.50 -2.48
C TYR B 100 -21.19 -17.06 -2.42
N THR B 101 -20.73 -16.32 -3.44
CA THR B 101 -19.32 -15.95 -3.50
C THR B 101 -18.96 -14.82 -2.53
N GLY B 102 -19.87 -13.89 -2.29
CA GLY B 102 -19.60 -12.74 -1.44
C GLY B 102 -20.18 -12.88 -0.04
N GLY B 103 -20.08 -11.79 0.71
CA GLY B 103 -20.59 -11.74 2.07
C GLY B 103 -19.66 -12.43 3.06
N THR B 104 -20.09 -12.43 4.33
CA THR B 104 -19.34 -13.10 5.38
C THR B 104 -19.56 -14.62 5.30
N LYS B 105 -18.74 -15.36 6.05
CA LYS B 105 -18.90 -16.80 6.10
C LYS B 105 -20.22 -17.19 6.74
N THR B 106 -20.67 -16.43 7.74
CA THR B 106 -21.95 -16.71 8.39
C THR B 106 -23.10 -16.51 7.41
N MET B 107 -23.07 -15.42 6.63
CA MET B 107 -24.10 -15.20 5.63
C MET B 107 -24.18 -16.36 4.65
N VAL B 108 -23.03 -16.85 4.20
CA VAL B 108 -22.99 -17.90 3.20
C VAL B 108 -23.54 -19.21 3.77
N VAL B 109 -23.25 -19.50 5.04
CA VAL B 109 -23.68 -20.77 5.64
C VAL B 109 -25.20 -20.88 5.65
N HIS B 110 -25.86 -19.87 6.20
CA HIS B 110 -27.29 -19.99 6.49
C HIS B 110 -28.16 -19.62 5.31
N ILE B 111 -27.71 -18.71 4.44
CA ILE B 111 -28.46 -18.42 3.22
C ILE B 111 -28.48 -19.63 2.31
N TYR B 112 -27.35 -20.34 2.22
CA TYR B 112 -27.29 -21.54 1.39
C TYR B 112 -28.23 -22.62 1.92
N ASN B 113 -28.27 -22.79 3.24
CA ASN B 113 -29.14 -23.80 3.82
C ASN B 113 -30.61 -23.36 3.77
N PHE B 114 -30.88 -22.07 3.94
CA PHE B 114 -32.25 -21.59 3.90
C PHE B 114 -32.87 -21.81 2.53
N LEU B 115 -32.12 -21.50 1.47
CA LEU B 115 -32.58 -21.74 0.11
C LEU B 115 -32.37 -23.18 -0.34
N LYS B 116 -31.81 -24.03 0.52
CA LYS B 116 -31.68 -25.46 0.26
C LYS B 116 -32.90 -26.23 0.74
N GLU B 117 -33.45 -25.85 1.90
CA GLU B 117 -34.65 -26.48 2.43
C GLU B 117 -35.91 -25.99 1.72
N LYS B 118 -35.98 -24.68 1.47
CA LYS B 118 -37.17 -24.12 0.83
C LYS B 118 -37.36 -24.66 -0.59
N PHE B 119 -36.28 -25.07 -1.23
CA PHE B 119 -36.35 -25.58 -2.60
C PHE B 119 -35.57 -26.89 -2.72
N LYS B 125 -36.43 -26.22 -8.40
CA LYS B 125 -35.04 -26.49 -8.75
C LYS B 125 -34.08 -25.58 -7.97
N PHE B 126 -32.93 -26.12 -7.59
CA PHE B 126 -31.92 -25.37 -6.87
C PHE B 126 -30.56 -25.58 -7.53
N GLU B 127 -29.73 -24.53 -7.45
CA GLU B 127 -28.35 -24.60 -7.95
C GLU B 127 -27.53 -23.53 -7.25
N GLY B 128 -26.38 -23.91 -6.74
CA GLY B 128 -25.47 -23.00 -6.06
C GLY B 128 -24.20 -22.83 -6.88
N SER B 129 -23.70 -21.60 -6.93
CA SER B 129 -22.52 -21.29 -7.72
C SER B 129 -21.52 -20.48 -6.91
N TYR B 130 -20.28 -20.52 -7.34
CA TYR B 130 -19.18 -19.83 -6.70
C TYR B 130 -18.19 -19.40 -7.78
N LEU B 131 -17.82 -18.12 -7.77
CA LEU B 131 -16.86 -17.60 -8.75
C LEU B 131 -15.44 -17.75 -8.20
N ASP B 132 -14.60 -18.48 -8.93
CA ASP B 132 -13.22 -18.69 -8.54
C ASP B 132 -12.39 -17.47 -8.93
N ALA B 133 -11.79 -16.80 -7.94
CA ALA B 133 -10.91 -15.68 -8.22
C ALA B 133 -9.56 -16.12 -8.77
N ARG B 134 -9.18 -17.39 -8.57
CA ARG B 134 -7.86 -17.84 -8.96
C ARG B 134 -7.80 -18.25 -10.43
N ASP B 135 -8.80 -19.02 -10.91
CA ASP B 135 -8.80 -19.48 -12.29
C ASP B 135 -9.98 -18.93 -13.08
N TYR B 136 -10.64 -17.89 -12.57
CA TYR B 136 -11.70 -17.18 -13.28
C TYR B 136 -12.76 -18.14 -13.82
N LYS B 137 -13.37 -18.87 -12.89
CA LYS B 137 -14.28 -19.94 -13.27
C LYS B 137 -15.50 -19.95 -12.36
N LEU B 138 -16.68 -20.05 -12.97
CA LEU B 138 -17.93 -20.16 -12.24
C LEU B 138 -18.27 -21.63 -12.06
N VAL B 139 -18.35 -22.08 -10.80
CA VAL B 139 -18.52 -23.48 -10.47
C VAL B 139 -19.94 -23.70 -9.99
N TYR B 140 -20.70 -24.50 -10.73
CA TYR B 140 -22.04 -24.91 -10.33
C TYR B 140 -21.94 -26.14 -9.44
N ASP B 141 -22.72 -26.14 -8.36
CA ASP B 141 -22.60 -27.19 -7.35
C ASP B 141 -23.31 -28.49 -7.74
N TYR B 142 -24.24 -28.44 -8.68
CA TYR B 142 -24.96 -29.64 -9.13
C TYR B 142 -24.77 -29.92 -10.61
N SER B 143 -24.71 -28.90 -11.45
CA SER B 143 -24.41 -29.11 -12.86
C SER B 143 -22.99 -29.64 -13.06
N GLU B 144 -22.12 -29.47 -12.07
CA GLU B 144 -20.71 -29.86 -12.14
C GLU B 144 -20.00 -29.23 -13.33
N GLU B 145 -20.50 -28.08 -13.78
CA GLU B 145 -19.85 -27.30 -14.82
C GLU B 145 -19.01 -26.19 -14.19
N ALA B 146 -17.94 -25.81 -14.88
CA ALA B 146 -17.00 -24.79 -14.41
C ALA B 146 -16.73 -23.84 -15.58
N ILE B 147 -17.65 -22.91 -15.81
CA ILE B 147 -17.58 -22.03 -16.97
C ILE B 147 -16.50 -20.98 -16.73
N SER B 148 -15.62 -20.82 -17.72
CA SER B 148 -14.57 -19.80 -17.65
C SER B 148 -15.12 -18.47 -18.13
N LEU B 149 -15.11 -17.48 -17.25
CA LEU B 149 -15.63 -16.16 -17.55
C LEU B 149 -14.53 -15.14 -17.83
N LYS B 150 -13.29 -15.59 -18.01
CA LYS B 150 -12.18 -14.66 -18.16
C LYS B 150 -12.22 -13.95 -19.50
N ASP B 151 -12.63 -14.66 -20.56
CA ASP B 151 -12.73 -14.08 -21.89
C ASP B 151 -14.16 -13.70 -22.26
N THR B 152 -15.14 -14.04 -21.43
CA THR B 152 -16.55 -13.74 -21.74
C THR B 152 -16.96 -12.40 -21.16
N ILE B 153 -17.01 -12.31 -19.82
CA ILE B 153 -17.48 -11.09 -19.17
C ILE B 153 -16.42 -10.01 -19.28
N LYS B 154 -16.80 -8.87 -19.84
CA LYS B 154 -15.92 -7.71 -19.95
C LYS B 154 -16.41 -6.60 -19.04
N ILE B 155 -15.52 -5.63 -18.79
CA ILE B 155 -15.87 -4.48 -17.99
C ILE B 155 -14.98 -3.32 -18.42
N ASP B 156 -15.53 -2.10 -18.37
CA ASP B 156 -14.77 -0.91 -18.73
C ASP B 156 -14.33 -0.17 -17.46
N ILE B 157 -13.46 0.82 -17.66
CA ILE B 157 -12.87 1.52 -16.52
C ILE B 157 -13.91 2.36 -15.78
N ASN B 158 -14.92 2.86 -16.48
CA ASN B 158 -15.93 3.69 -15.83
C ASN B 158 -16.81 2.87 -14.90
N THR B 159 -17.32 1.74 -15.39
CA THR B 159 -18.17 0.89 -14.56
C THR B 159 -17.38 0.24 -13.43
N LEU B 160 -16.13 -0.10 -13.68
CA LEU B 160 -15.31 -0.74 -12.64
C LEU B 160 -15.08 0.22 -11.47
N LEU B 161 -14.69 1.46 -11.77
CA LEU B 161 -14.47 2.43 -10.69
C LEU B 161 -15.79 2.87 -10.06
N SER B 162 -16.88 2.86 -10.83
CA SER B 162 -18.16 3.32 -10.29
C SER B 162 -18.70 2.36 -9.24
N ILE B 163 -18.64 1.05 -9.51
CA ILE B 163 -19.13 0.07 -8.54
C ILE B 163 -18.27 0.06 -7.28
N HIS B 164 -17.03 0.53 -7.38
CA HIS B 164 -16.19 0.74 -6.20
C HIS B 164 -16.31 2.16 -5.66
N LEU B 165 -17.36 2.88 -6.05
CA LEU B 165 -17.78 4.16 -5.46
C LEU B 165 -16.85 5.32 -5.81
N TYR B 166 -16.10 5.24 -6.91
CA TYR B 166 -15.30 6.34 -7.39
C TYR B 166 -16.00 7.06 -8.53
N GLU B 167 -15.66 8.33 -8.72
CA GLU B 167 -16.35 9.19 -9.68
C GLU B 167 -15.39 10.25 -10.20
N ASP B 168 -15.89 11.07 -11.12
CA ASP B 168 -15.10 12.10 -11.80
C ASP B 168 -13.87 11.49 -12.46
N ILE B 169 -14.10 10.41 -13.18
CA ILE B 169 -13.03 9.66 -13.84
C ILE B 169 -12.61 10.39 -15.11
N HIS B 170 -11.32 10.63 -15.25
CA HIS B 170 -10.80 11.18 -16.50
C HIS B 170 -9.41 10.61 -16.75
N PHE B 171 -9.03 10.57 -18.02
CA PHE B 171 -7.79 9.95 -18.46
C PHE B 171 -7.41 10.55 -19.81
N GLU B 172 -6.25 10.15 -20.31
CA GLU B 172 -5.73 10.64 -21.58
C GLU B 172 -5.66 9.52 -22.61
N PHE B 173 -5.80 9.90 -23.87
CA PHE B 173 -5.68 8.98 -24.99
C PHE B 173 -4.30 9.09 -25.62
N TYR B 174 -4.02 8.14 -26.52
CA TYR B 174 -2.77 8.18 -27.27
C TYR B 174 -2.64 9.47 -28.07
N ASP B 175 -3.73 9.93 -28.67
CA ASP B 175 -3.70 11.10 -29.54
C ASP B 175 -3.83 12.42 -28.78
N THR B 176 -4.38 12.39 -27.56
CA THR B 176 -4.57 13.60 -26.76
C THR B 176 -3.53 13.72 -25.65
N TYR B 177 -2.40 13.03 -25.78
CA TYR B 177 -1.38 13.05 -24.74
C TYR B 177 -0.86 14.46 -24.52
N SER B 178 -0.51 14.75 -23.25
CA SER B 178 -0.19 16.12 -22.86
C SER B 178 1.00 16.68 -23.64
N TYR B 179 2.10 15.94 -23.67
CA TYR B 179 3.32 16.46 -24.26
C TYR B 179 3.30 16.46 -25.79
N LYS B 180 2.30 15.83 -26.41
CA LYS B 180 2.12 16.04 -27.85
C LYS B 180 1.53 17.42 -28.11
N GLN B 181 0.84 17.99 -27.12
CA GLN B 181 0.32 19.35 -27.24
C GLN B 181 1.39 20.40 -26.96
N LYS B 182 2.37 20.06 -26.13
CA LYS B 182 3.46 20.96 -25.77
C LYS B 182 4.59 20.94 -26.77
N PHE B 183 4.88 19.79 -27.37
CA PHE B 183 5.94 19.68 -28.37
C PHE B 183 5.35 19.33 -29.73
N VAL B 184 4.39 20.12 -30.21
CA VAL B 184 3.79 19.85 -31.51
C VAL B 184 4.88 19.86 -32.59
N ASP B 185 4.70 18.99 -33.58
CA ASP B 185 5.64 18.77 -34.68
C ASP B 185 6.91 18.06 -34.21
N SER B 186 7.46 18.49 -33.09
CA SER B 186 8.73 17.94 -32.62
C SER B 186 8.56 16.72 -31.72
N PHE B 187 7.35 16.43 -31.25
CA PHE B 187 7.16 15.33 -30.31
C PHE B 187 7.52 13.99 -30.94
N ASP B 188 7.08 13.75 -32.18
CA ASP B 188 7.36 12.48 -32.82
C ASP B 188 8.86 12.26 -32.96
N LYS B 189 9.61 13.32 -33.27
CA LYS B 189 11.05 13.18 -33.39
C LYS B 189 11.71 12.94 -32.03
N ILE B 190 11.25 13.64 -31.00
CA ILE B 190 11.80 13.45 -29.66
C ILE B 190 11.48 12.04 -29.16
N SER B 191 10.24 11.59 -29.37
CA SER B 191 9.84 10.28 -28.87
C SER B 191 10.56 9.16 -29.60
N GLN B 192 10.78 9.32 -30.92
CA GLN B 192 11.42 8.26 -31.70
C GLN B 192 12.89 8.11 -31.32
N GLU B 193 13.59 9.22 -31.08
CA GLU B 193 15.00 9.14 -30.70
C GLU B 193 15.17 8.46 -29.35
N ILE B 194 14.30 8.78 -28.39
CA ILE B 194 14.37 8.14 -27.07
C ILE B 194 14.07 6.65 -27.18
N GLU B 195 13.00 6.31 -27.92
CA GLU B 195 12.65 4.90 -28.11
C GLU B 195 13.77 4.12 -28.75
N LYS B 196 14.54 4.76 -29.63
CA LYS B 196 15.68 4.09 -30.27
C LYS B 196 16.74 3.74 -29.25
N ALA B 197 17.08 4.69 -28.37
CA ALA B 197 18.12 4.47 -27.38
C ALA B 197 17.70 3.41 -26.36
N ILE B 198 16.45 3.44 -25.91
CA ILE B 198 16.00 2.47 -24.92
C ILE B 198 15.98 1.07 -25.53
N LYS B 199 15.44 0.94 -26.74
CA LYS B 199 15.47 -0.34 -27.45
C LYS B 199 16.88 -0.74 -27.88
N ASP B 200 17.85 0.15 -27.71
CA ASP B 200 19.26 -0.17 -27.92
C ASP B 200 19.98 -0.46 -26.61
N ASP B 201 19.22 -0.71 -25.53
CA ASP B 201 19.78 -1.08 -24.23
C ASP B 201 20.63 0.04 -23.64
N LYS B 202 20.24 1.29 -23.90
CA LYS B 202 20.91 2.46 -23.34
C LYS B 202 20.17 3.03 -22.14
N GLY B 203 19.25 2.26 -21.56
CA GLY B 203 18.47 2.76 -20.44
C GLY B 203 19.32 3.07 -19.22
N GLU B 204 20.21 2.16 -18.86
CA GLU B 204 21.06 2.36 -17.69
C GLU B 204 21.93 3.60 -17.85
N ASP B 205 22.52 3.75 -19.02
CA ASP B 205 23.35 4.92 -19.29
C ASP B 205 22.55 6.20 -19.15
N PHE B 206 21.35 6.22 -19.72
CA PHE B 206 20.52 7.40 -19.64
C PHE B 206 20.16 7.73 -18.20
N VAL B 207 19.76 6.72 -17.45
CA VAL B 207 19.40 6.93 -16.04
C VAL B 207 20.56 7.53 -15.26
N LYS B 208 21.74 6.94 -15.39
CA LYS B 208 22.90 7.44 -14.66
C LYS B 208 23.26 8.86 -15.12
N TRP B 209 23.10 9.14 -16.42
CA TRP B 209 23.32 10.49 -16.90
C TRP B 209 22.26 11.45 -16.37
N LEU B 210 21.02 10.96 -16.23
CA LEU B 210 19.98 11.79 -15.64
C LEU B 210 20.29 12.12 -14.19
N GLU B 211 20.78 11.12 -13.44
CA GLU B 211 21.17 11.36 -12.05
C GLU B 211 22.36 12.31 -11.97
N ASP B 212 23.38 12.09 -12.80
CA ASP B 212 24.57 12.93 -12.86
C ASP B 212 25.02 13.01 -14.31
N PRO B 213 25.09 14.21 -14.90
CA PRO B 213 24.95 15.55 -14.31
C PRO B 213 23.58 16.22 -14.50
N PHE B 214 22.61 15.55 -15.11
CA PHE B 214 21.36 16.24 -15.48
C PHE B 214 20.64 16.79 -14.26
N ARG B 215 20.37 15.95 -13.26
CA ARG B 215 19.60 16.40 -12.11
C ARG B 215 20.39 17.32 -11.20
N LYS B 216 21.71 17.29 -11.27
CA LYS B 216 22.52 18.27 -10.55
C LYS B 216 22.43 19.66 -11.17
N ILE B 217 22.10 19.75 -12.45
CA ILE B 217 22.08 21.03 -13.15
C ILE B 217 20.68 21.64 -13.16
N PHE B 218 19.68 20.84 -13.46
CA PHE B 218 18.33 21.37 -13.61
C PHE B 218 17.32 21.07 -12.49
N LYS B 219 17.77 20.43 -11.43
CA LYS B 219 16.89 20.17 -10.29
C LYS B 219 17.55 20.59 -8.99
N GLY B 220 16.83 21.36 -8.19
CA GLY B 220 17.36 21.79 -6.91
C GLY B 220 16.29 22.67 -6.32
N GLU B 221 16.59 23.95 -6.18
CA GLU B 221 15.62 24.89 -5.65
C GLU B 221 14.33 24.98 -6.43
N ASN B 222 13.26 25.37 -5.76
CA ASN B 222 11.99 25.52 -6.42
C ASN B 222 12.06 26.71 -7.34
N LYS B 223 11.30 26.66 -8.43
CA LYS B 223 11.30 27.75 -9.37
C LYS B 223 12.70 28.06 -9.84
N LEU B 224 13.56 27.05 -9.90
CA LEU B 224 14.92 27.24 -10.38
C LEU B 224 14.96 27.59 -11.87
N LEU B 225 14.18 26.89 -12.67
CA LEU B 225 14.22 27.10 -14.11
C LEU B 225 13.21 28.15 -14.59
N GLU B 226 12.61 28.87 -13.67
CA GLU B 226 11.65 29.90 -14.03
C GLU B 226 12.10 31.27 -13.57
N LYS B 227 13.22 31.31 -12.86
CA LYS B 227 13.76 32.59 -12.38
C LYS B 227 15.22 32.68 -12.82
N THR B 228 15.54 33.73 -13.59
CA THR B 228 16.88 33.88 -14.13
C THR B 228 17.91 34.08 -13.02
N ALA B 229 17.54 34.78 -11.96
CA ALA B 229 18.48 35.04 -10.87
C ALA B 229 18.81 33.76 -10.11
N LYS B 230 17.80 32.90 -9.88
CA LYS B 230 18.02 31.68 -9.12
C LYS B 230 18.82 30.66 -9.93
N PHE B 231 18.59 30.62 -11.24
CA PHE B 231 19.36 29.71 -12.09
C PHE B 231 20.80 30.17 -12.23
N LYS B 232 21.02 31.49 -12.33
CA LYS B 232 22.37 32.01 -12.43
C LYS B 232 23.18 31.71 -11.17
N LYS B 233 22.61 32.02 -10.00
CA LYS B 233 23.29 31.71 -8.75
C LYS B 233 23.59 30.22 -8.63
N HIS B 234 22.66 29.38 -9.08
CA HIS B 234 22.88 27.94 -9.06
C HIS B 234 24.06 27.56 -9.94
N ILE B 235 24.15 28.15 -11.13
CA ILE B 235 25.26 27.83 -12.04
C ILE B 235 26.58 28.33 -11.48
N GLU B 236 26.55 29.48 -10.81
CA GLU B 236 27.76 30.01 -10.16
C GLU B 236 28.29 29.03 -9.12
N LYS B 237 27.40 28.48 -8.31
CA LYS B 237 27.81 27.54 -7.28
C LYS B 237 28.41 26.28 -7.88
N LEU B 238 27.90 25.84 -9.02
CA LEU B 238 28.39 24.65 -9.69
C LEU B 238 29.73 24.91 -10.37
N ASP B 243 36.54 22.02 -10.97
CA ASP B 243 36.56 21.10 -12.11
C ASP B 243 35.76 19.84 -11.80
N SER B 244 35.16 19.81 -10.61
CA SER B 244 34.28 18.73 -10.21
C SER B 244 32.82 19.02 -10.54
N SER B 245 32.54 20.19 -11.11
CA SER B 245 31.16 20.61 -11.34
C SER B 245 30.49 19.73 -12.38
N PRO B 246 29.17 19.51 -12.24
CA PRO B 246 28.46 18.72 -13.24
C PRO B 246 28.39 19.38 -14.61
N ILE B 247 28.67 20.68 -14.70
CA ILE B 247 28.67 21.36 -15.98
C ILE B 247 29.75 20.78 -16.90
N VAL B 248 30.92 20.48 -16.34
CA VAL B 248 31.99 19.90 -17.15
C VAL B 248 31.65 18.46 -17.54
N LYS B 249 31.02 17.72 -16.63
CA LYS B 249 30.56 16.37 -16.97
C LYS B 249 29.52 16.41 -18.08
N PHE B 250 28.70 17.47 -18.11
CA PHE B 250 27.73 17.62 -19.19
C PHE B 250 28.44 17.97 -20.51
N ASN B 251 29.40 18.91 -20.44
CA ASN B 251 30.02 19.40 -21.67
C ASN B 251 31.02 18.42 -22.25
N GLU B 252 31.59 17.55 -21.43
CA GLU B 252 32.67 16.68 -21.85
C GLU B 252 32.33 15.20 -21.83
N LYS B 253 31.58 14.74 -20.84
CA LYS B 253 31.33 13.31 -20.66
C LYS B 253 30.00 12.83 -21.23
N THR B 254 29.12 13.75 -21.64
CA THR B 254 27.80 13.36 -22.12
C THR B 254 27.91 12.41 -23.31
N PRO B 255 27.29 11.23 -23.25
CA PRO B 255 27.41 10.27 -24.36
C PRO B 255 26.74 10.76 -25.63
N GLN B 256 26.88 9.98 -26.71
CA GLN B 256 26.45 10.44 -28.02
C GLN B 256 24.95 10.31 -28.21
N PHE B 257 24.38 9.17 -27.81
CA PHE B 257 22.95 8.97 -27.98
C PHE B 257 22.14 9.99 -27.19
N ILE B 258 22.73 10.55 -26.14
CA ILE B 258 22.05 11.60 -25.38
C ILE B 258 22.15 12.94 -26.12
N TRP B 259 23.31 13.23 -26.72
CA TRP B 259 23.40 14.40 -27.58
C TRP B 259 22.39 14.34 -28.71
N ASP B 260 22.08 13.14 -29.20
CA ASP B 260 21.12 13.00 -30.29
C ASP B 260 19.71 13.31 -29.82
N ILE B 261 19.30 12.75 -28.68
CA ILE B 261 17.95 13.00 -28.19
C ILE B 261 17.81 14.43 -27.70
N LEU B 262 18.88 15.03 -27.20
CA LEU B 262 18.84 16.45 -26.85
C LEU B 262 18.67 17.31 -28.10
N ASN B 263 19.32 16.92 -29.20
CA ASN B 263 19.18 17.64 -30.46
C ASN B 263 17.91 17.30 -31.21
N ALA B 264 17.13 16.32 -30.73
CA ALA B 264 15.81 16.06 -31.31
C ALA B 264 14.79 17.11 -30.88
N PHE B 265 15.08 17.89 -29.86
CA PHE B 265 14.24 18.98 -29.41
C PHE B 265 14.40 20.17 -30.36
N PRO B 266 13.40 21.05 -30.42
CA PRO B 266 13.58 22.31 -31.17
C PRO B 266 14.68 23.14 -30.55
N GLU B 267 15.36 23.91 -31.40
CA GLU B 267 16.48 24.72 -30.92
C GLU B 267 16.04 25.74 -29.88
N GLY B 268 14.76 26.15 -29.91
CA GLY B 268 14.26 27.04 -28.89
C GLY B 268 13.97 26.36 -27.57
N LYS B 269 13.91 25.03 -27.56
CA LYS B 269 13.55 24.25 -26.39
C LYS B 269 14.63 23.24 -26.04
N LYS B 270 15.87 23.51 -26.44
CA LYS B 270 16.98 22.60 -26.21
C LYS B 270 17.82 23.09 -25.04
N LEU B 271 18.26 22.14 -24.21
CA LEU B 271 19.13 22.46 -23.08
C LEU B 271 20.56 22.73 -23.51
N ASN B 272 20.97 22.20 -24.66
CA ASN B 272 22.33 22.37 -25.16
C ASN B 272 22.42 23.65 -25.99
N ASP B 273 23.58 24.32 -25.91
CA ASP B 273 23.87 25.47 -26.75
C ASP B 273 24.83 25.11 -27.88
N GLY B 274 24.78 23.88 -28.37
CA GLY B 274 25.71 23.40 -29.37
C GLY B 274 26.88 22.66 -28.76
N GLN B 275 26.66 21.39 -28.41
CA GLN B 275 27.66 20.55 -27.76
C GLN B 275 28.19 21.18 -26.48
N LYS B 276 27.32 21.90 -25.77
CA LYS B 276 27.65 22.52 -24.50
C LYS B 276 26.33 22.88 -23.81
N LEU B 277 26.44 23.29 -22.55
CA LEU B 277 25.26 23.63 -21.76
C LEU B 277 24.87 25.08 -22.02
N TRP B 278 23.60 25.30 -22.37
CA TRP B 278 23.11 26.65 -22.57
C TRP B 278 22.99 27.35 -21.22
N ILE B 279 23.72 28.45 -21.06
CA ILE B 279 23.71 29.25 -19.85
C ILE B 279 23.12 30.61 -20.21
N PRO B 280 22.07 31.06 -19.52
CA PRO B 280 21.41 32.31 -19.93
C PRO B 280 22.31 33.52 -19.75
N ASP B 281 22.23 34.44 -20.70
CA ASP B 281 22.83 35.75 -20.55
C ASP B 281 22.02 36.57 -19.56
N ASP B 282 22.45 37.81 -19.31
CA ASP B 282 21.74 38.69 -18.39
C ASP B 282 20.56 39.39 -19.03
N LYS B 283 20.36 39.25 -20.34
CA LYS B 283 19.16 39.74 -21.01
C LYS B 283 18.09 38.68 -21.16
N ILE B 284 18.31 37.50 -20.56
CA ILE B 284 17.33 36.42 -20.61
C ILE B 284 16.27 36.66 -19.55
N THR B 285 15.03 36.85 -19.98
CA THR B 285 13.93 37.01 -19.06
C THR B 285 13.68 35.70 -18.30
N ASN B 286 13.04 35.83 -17.13
CA ASN B 286 12.57 34.64 -16.42
C ASN B 286 11.68 33.79 -17.31
N ASP B 287 10.77 34.44 -18.03
CA ASP B 287 9.87 33.72 -18.93
C ASP B 287 10.63 33.14 -20.13
N ASN B 288 11.70 33.81 -20.57
CA ASN B 288 12.52 33.25 -21.64
C ASN B 288 13.20 31.96 -21.19
N LEU B 289 13.68 31.93 -19.94
CA LEU B 289 14.36 30.75 -19.43
C LEU B 289 13.41 29.56 -19.32
N SER B 290 12.23 29.79 -18.73
CA SER B 290 11.28 28.70 -18.52
C SER B 290 10.74 28.17 -19.84
N SER B 291 10.53 29.06 -20.83
CA SER B 291 10.00 28.62 -22.11
C SER B 291 10.97 27.72 -22.86
N ARG B 292 12.27 27.80 -22.55
CA ARG B 292 13.30 27.01 -23.20
C ARG B 292 13.54 25.66 -22.53
N VAL B 293 13.55 25.61 -21.19
CA VAL B 293 14.04 24.43 -20.50
C VAL B 293 13.01 23.75 -19.63
N LYS B 294 11.93 24.42 -19.20
CA LYS B 294 11.05 23.84 -18.20
C LYS B 294 10.38 22.57 -18.72
N ASP B 295 9.74 22.65 -19.89
CA ASP B 295 9.07 21.48 -20.44
C ASP B 295 10.08 20.40 -20.84
N THR B 296 11.25 20.81 -21.33
CA THR B 296 12.26 19.84 -21.73
C THR B 296 12.81 19.08 -20.53
N VAL B 297 13.08 19.79 -19.44
CA VAL B 297 13.63 19.14 -18.25
C VAL B 297 12.63 18.16 -17.66
N GLU B 298 11.37 18.59 -17.54
CA GLU B 298 10.36 17.74 -16.93
C GLU B 298 10.08 16.49 -17.77
N PHE B 299 10.12 16.63 -19.10
CA PHE B 299 9.89 15.47 -19.95
C PHE B 299 11.04 14.47 -19.86
N LEU B 300 12.25 14.96 -19.79
CA LEU B 300 13.42 14.10 -19.70
C LEU B 300 13.65 13.49 -18.29
N ASN B 301 13.14 14.16 -17.25
CA ASN B 301 13.33 13.66 -15.89
C ASN B 301 12.42 12.49 -15.57
N GLY B 302 11.53 12.13 -16.48
CA GLY B 302 10.58 11.05 -16.20
C GLY B 302 9.27 10.91 -16.95
N LYS B 303 8.68 12.01 -17.39
CA LYS B 303 7.43 11.95 -18.13
C LYS B 303 7.58 11.13 -19.40
N TRP B 304 8.73 11.22 -20.04
CA TRP B 304 8.98 10.44 -21.24
C TRP B 304 8.77 8.96 -21.02
N PHE B 305 9.11 8.47 -19.84
CA PHE B 305 9.00 7.03 -19.58
C PHE B 305 7.54 6.59 -19.56
N GLU B 306 6.64 7.45 -19.11
CA GLU B 306 5.21 7.14 -19.15
C GLU B 306 4.75 6.93 -20.59
N TRP B 307 5.14 7.84 -21.48
CA TRP B 307 4.73 7.72 -22.88
C TRP B 307 5.40 6.52 -23.55
N TYR B 308 6.68 6.28 -23.23
CA TYR B 308 7.39 5.17 -23.84
C TYR B 308 6.72 3.84 -23.52
N VAL B 309 6.44 3.60 -22.23
CA VAL B 309 5.81 2.35 -21.82
C VAL B 309 4.42 2.22 -22.43
N TYR B 310 3.67 3.32 -22.46
CA TYR B 310 2.34 3.29 -23.05
C TYR B 310 2.39 3.04 -24.55
N SER B 311 3.42 3.56 -25.22
CA SER B 311 3.56 3.33 -26.65
C SER B 311 4.02 1.89 -26.95
N GLN B 312 4.83 1.31 -26.07
CA GLN B 312 5.28 -0.06 -26.32
C GLN B 312 4.20 -1.10 -26.06
N ILE B 313 3.05 -0.70 -25.54
CA ILE B 313 1.98 -1.66 -25.24
C ILE B 313 0.72 -1.39 -26.04
N LYS B 314 0.51 -0.18 -26.55
CA LYS B 314 -0.76 0.15 -27.20
C LYS B 314 -1.02 -0.76 -28.39
N SER B 315 0.01 -1.07 -29.17
CA SER B 315 -0.16 -1.95 -30.32
C SER B 315 -0.63 -3.34 -29.88
N GLU B 316 0.10 -3.95 -28.95
CA GLU B 316 -0.26 -5.29 -28.49
C GLU B 316 -1.61 -5.32 -27.80
N LEU B 317 -2.07 -4.20 -27.25
CA LEU B 317 -3.39 -4.16 -26.62
C LEU B 317 -4.50 -4.12 -27.67
N LEU B 318 -4.31 -3.33 -28.73
CA LEU B 318 -5.30 -3.28 -29.80
C LEU B 318 -5.40 -4.60 -30.54
N ASP B 319 -4.29 -5.34 -30.63
CA ASP B 319 -4.31 -6.63 -31.32
C ASP B 319 -5.18 -7.65 -30.59
N ARG B 320 -5.30 -7.51 -29.27
CA ARG B 320 -6.18 -8.36 -28.48
C ARG B 320 -7.60 -7.81 -28.39
N LYS B 321 -7.96 -6.88 -29.27
CA LYS B 321 -9.31 -6.33 -29.38
C LYS B 321 -9.72 -5.55 -28.12
N LEU B 322 -8.76 -5.00 -27.40
CA LEU B 322 -9.07 -4.05 -26.34
C LEU B 322 -9.25 -2.66 -26.94
N LYS B 323 -10.20 -1.91 -26.37
CA LYS B 323 -10.54 -0.58 -26.86
C LYS B 323 -9.95 0.46 -25.94
N GLU B 324 -9.18 1.39 -26.50
CA GLU B 324 -8.61 2.49 -25.72
C GLU B 324 -9.72 3.35 -25.15
N GLY B 325 -9.50 3.85 -23.95
CA GLY B 325 -10.50 4.62 -23.24
C GLY B 325 -11.42 3.79 -22.35
N GLU B 326 -11.67 2.55 -22.74
CA GLU B 326 -12.48 1.62 -21.95
C GLU B 326 -11.67 0.54 -21.28
N HIS B 327 -10.64 0.00 -21.94
CA HIS B 327 -9.86 -1.09 -21.39
C HIS B 327 -8.40 -0.73 -21.14
N PHE B 328 -7.94 0.43 -21.59
CA PHE B 328 -6.61 0.91 -21.26
C PHE B 328 -6.54 2.41 -21.52
N GLY B 329 -5.60 3.05 -20.86
CA GLY B 329 -5.43 4.50 -20.97
C GLY B 329 -4.31 4.95 -20.07
N ILE B 330 -3.91 6.21 -20.28
CA ILE B 330 -2.76 6.79 -19.59
C ILE B 330 -3.25 7.95 -18.72
N SER B 331 -2.63 8.10 -17.55
CA SER B 331 -2.89 9.21 -16.63
C SER B 331 -4.34 9.19 -16.13
N LEU B 332 -4.73 8.05 -15.56
CA LEU B 332 -6.06 7.91 -14.97
C LEU B 332 -6.16 8.70 -13.67
N LYS B 333 -7.30 9.38 -13.49
CA LYS B 333 -7.58 10.13 -12.27
C LYS B 333 -9.03 9.97 -11.90
N ALA B 334 -9.30 9.80 -10.61
CA ALA B 334 -10.66 9.69 -10.09
C ALA B 334 -10.64 10.03 -8.60
N GLN B 335 -11.81 9.99 -7.98
CA GLN B 335 -11.94 10.36 -6.58
C GLN B 335 -13.19 9.70 -6.01
N LYS B 336 -13.16 9.45 -4.71
CA LYS B 336 -14.40 9.22 -3.99
C LYS B 336 -15.09 10.55 -3.73
N LYS B 337 -16.37 10.49 -3.40
CA LYS B 337 -17.18 11.69 -3.25
C LYS B 337 -16.59 12.62 -2.19
N ASP B 338 -16.27 13.84 -2.61
CA ASP B 338 -15.75 14.89 -1.72
C ASP B 338 -14.46 14.45 -1.04
N SER B 339 -13.59 13.78 -1.78
CA SER B 339 -12.35 13.21 -1.27
C SER B 339 -11.22 13.51 -2.25
N PRO B 340 -9.97 13.44 -1.79
CA PRO B 340 -8.84 13.73 -2.68
C PRO B 340 -8.80 12.81 -3.89
N TYR B 341 -8.11 13.28 -4.93
CA TYR B 341 -7.94 12.53 -6.16
C TYR B 341 -6.67 11.68 -6.11
N PHE B 342 -6.74 10.53 -6.77
CA PHE B 342 -5.55 9.71 -7.02
C PHE B 342 -5.13 9.84 -8.49
N ALA B 343 -3.89 9.46 -8.76
CA ALA B 343 -3.34 9.49 -10.11
C ALA B 343 -2.64 8.17 -10.39
N LEU B 344 -3.01 7.53 -11.49
CA LEU B 344 -2.42 6.27 -11.92
C LEU B 344 -1.83 6.45 -13.30
N ASP B 345 -0.56 6.07 -13.47
CA ASP B 345 0.14 6.29 -14.73
C ASP B 345 -0.56 5.59 -15.88
N ILE B 346 -0.72 4.27 -15.78
CA ILE B 346 -1.35 3.48 -16.82
C ILE B 346 -2.35 2.52 -16.15
N PHE B 347 -3.50 2.32 -16.78
CA PHE B 347 -4.43 1.29 -16.37
C PHE B 347 -4.70 0.34 -17.53
N LEU B 348 -5.12 -0.88 -17.20
CA LEU B 348 -5.35 -1.93 -18.18
C LEU B 348 -6.32 -2.93 -17.58
N ILE B 349 -7.30 -3.32 -18.35
CA ILE B 349 -8.26 -4.29 -17.88
C ILE B 349 -8.23 -5.53 -18.76
N ASN B 350 -7.86 -6.65 -18.19
CA ASN B 350 -7.87 -7.90 -18.91
C ASN B 350 -9.09 -8.66 -18.50
N GLY B 351 -10.09 -8.68 -19.36
CA GLY B 351 -11.34 -9.29 -18.99
C GLY B 351 -12.03 -8.48 -17.92
N TYR B 352 -11.98 -8.95 -16.68
CA TYR B 352 -12.54 -8.19 -15.58
C TYR B 352 -11.49 -7.95 -14.49
N GLN B 353 -10.22 -8.10 -14.83
CA GLN B 353 -9.16 -7.83 -13.86
C GLN B 353 -8.45 -6.53 -14.18
N LEU B 354 -8.42 -5.63 -13.21
CA LEU B 354 -7.69 -4.38 -13.40
C LEU B 354 -6.19 -4.61 -13.24
N ILE B 355 -5.42 -3.99 -14.13
CA ILE B 355 -3.97 -3.99 -14.06
C ILE B 355 -3.54 -2.53 -14.00
N GLY B 356 -3.08 -2.10 -12.83
CA GLY B 356 -2.55 -0.75 -12.66
C GLY B 356 -1.04 -0.77 -12.74
N ILE B 357 -0.48 0.18 -13.49
CA ILE B 357 0.94 0.25 -13.75
C ILE B 357 1.47 1.59 -13.26
N SER B 358 2.38 1.56 -12.29
CA SER B 358 3.08 2.75 -11.83
C SER B 358 4.49 2.77 -12.42
N LEU B 359 4.90 3.92 -12.93
CA LEU B 359 6.15 4.05 -13.67
C LEU B 359 7.08 5.04 -12.99
N THR B 360 8.36 4.67 -12.91
CA THR B 360 9.39 5.56 -12.40
C THR B 360 10.73 5.17 -13.01
N THR B 361 11.53 6.18 -13.35
CA THR B 361 12.90 5.94 -13.80
C THR B 361 13.88 5.85 -12.64
N SER B 362 13.42 6.07 -11.42
CA SER B 362 14.30 6.07 -10.26
C SER B 362 14.88 4.68 -10.02
N SER B 363 16.14 4.65 -9.55
CA SER B 363 16.79 3.41 -9.15
C SER B 363 16.94 3.31 -7.64
N THR B 364 16.48 4.31 -6.89
CA THR B 364 16.60 4.31 -5.43
C THR B 364 15.62 3.32 -4.84
N ARG B 365 16.10 2.49 -3.90
CA ARG B 365 15.28 1.43 -3.34
C ARG B 365 14.14 1.97 -2.48
N GLU B 366 14.39 3.08 -1.76
CA GLU B 366 13.38 3.59 -0.84
C GLU B 366 12.21 4.21 -1.58
N LEU B 367 12.49 5.02 -2.60
CA LEU B 367 11.42 5.64 -3.38
C LEU B 367 10.61 4.59 -4.14
N CYS B 368 11.28 3.61 -4.74
CA CYS B 368 10.58 2.57 -5.47
C CYS B 368 9.75 1.70 -4.54
N LYS B 369 10.22 1.47 -3.32
CA LYS B 369 9.44 0.74 -2.34
C LYS B 369 8.15 1.49 -1.99
N LEU B 370 8.25 2.80 -1.79
CA LEU B 370 7.08 3.60 -1.49
C LEU B 370 6.12 3.64 -2.68
N LYS B 371 6.67 3.75 -3.89
CA LYS B 371 5.84 3.64 -5.09
C LYS B 371 5.18 2.27 -5.20
N GLY B 372 5.81 1.24 -4.63
CA GLY B 372 5.22 -0.08 -4.66
C GLY B 372 4.02 -0.18 -3.74
N PHE B 373 4.14 0.35 -2.52
CA PHE B 373 3.00 0.39 -1.61
C PHE B 373 1.84 1.17 -2.21
N GLU B 374 2.15 2.23 -2.97
CA GLU B 374 1.11 3.09 -3.52
C GLU B 374 0.26 2.33 -4.53
N VAL B 375 0.90 1.73 -5.54
CA VAL B 375 0.16 1.07 -6.61
C VAL B 375 -0.60 -0.14 -6.06
N ILE B 376 -0.06 -0.80 -5.02
CA ILE B 376 -0.77 -1.91 -4.40
C ILE B 376 -2.10 -1.44 -3.82
N HIS B 377 -2.08 -0.32 -3.11
CA HIS B 377 -3.28 0.15 -2.42
C HIS B 377 -4.31 0.72 -3.39
N ARG B 378 -3.84 1.44 -4.42
CA ARG B 378 -4.76 2.11 -5.33
C ARG B 378 -5.59 1.10 -6.13
N VAL B 379 -4.93 0.08 -6.70
CA VAL B 379 -5.64 -0.90 -7.51
C VAL B 379 -6.63 -1.69 -6.66
N ARG B 380 -6.32 -1.87 -5.37
CA ARG B 380 -7.27 -2.53 -4.48
C ARG B 380 -8.47 -1.62 -4.20
N GLN B 381 -8.23 -0.31 -4.16
CA GLN B 381 -9.32 0.63 -3.89
C GLN B 381 -10.29 0.72 -5.05
N ILE B 382 -9.77 0.78 -6.28
CA ILE B 382 -10.61 1.06 -7.44
C ILE B 382 -10.98 -0.20 -8.24
N GLY B 383 -10.33 -1.33 -7.98
CA GLY B 383 -10.56 -2.51 -8.80
C GLY B 383 -10.92 -3.76 -8.04
N GLY B 384 -10.86 -3.69 -6.71
CA GLY B 384 -11.17 -4.84 -5.89
C GLY B 384 -9.93 -5.57 -5.41
N ASP B 385 -10.18 -6.60 -4.58
CA ASP B 385 -9.11 -7.31 -3.91
C ASP B 385 -8.35 -8.27 -4.83
N GLU B 386 -8.84 -8.55 -6.03
CA GLU B 386 -8.14 -9.44 -6.95
C GLU B 386 -7.46 -8.68 -8.09
N SER B 387 -7.26 -7.38 -7.91
CA SER B 387 -6.54 -6.60 -8.90
C SER B 387 -5.05 -6.90 -8.84
N LYS B 388 -4.36 -6.62 -9.93
CA LYS B 388 -2.91 -6.81 -10.03
C LYS B 388 -2.22 -5.46 -10.19
N ALA B 389 -1.11 -5.28 -9.49
CA ALA B 389 -0.32 -4.06 -9.55
C ALA B 389 1.04 -4.35 -10.15
N ILE B 390 1.48 -3.48 -11.06
CA ILE B 390 2.79 -3.58 -11.70
C ILE B 390 3.55 -2.29 -11.44
N LEU B 391 4.79 -2.42 -10.99
CA LEU B 391 5.69 -1.29 -10.78
C LEU B 391 6.89 -1.46 -11.69
N ILE B 392 7.12 -0.48 -12.56
CA ILE B 392 8.26 -0.48 -13.48
C ILE B 392 9.25 0.58 -13.00
N THR B 393 10.48 0.15 -12.74
CA THR B 393 11.50 0.99 -12.12
C THR B 393 12.74 1.02 -13.01
N GLY B 394 13.73 1.79 -12.58
CA GLY B 394 15.02 1.78 -13.23
C GLY B 394 16.05 1.03 -12.41
N MET B 395 15.56 0.19 -11.50
CA MET B 395 16.44 -0.60 -10.65
C MET B 395 16.94 -1.84 -11.41
N ASP B 396 18.00 -2.45 -10.89
CA ASP B 396 18.50 -3.68 -11.47
C ASP B 396 17.61 -4.85 -11.09
N LYS B 397 17.90 -6.01 -11.68
CA LYS B 397 17.04 -7.18 -11.47
C LYS B 397 17.07 -7.64 -10.02
N SER B 398 18.24 -7.60 -9.39
CA SER B 398 18.34 -8.09 -8.01
C SER B 398 17.50 -7.24 -7.07
N LYS B 399 17.54 -5.91 -7.22
CA LYS B 399 16.72 -5.04 -6.41
C LYS B 399 15.25 -5.13 -6.82
N THR B 400 14.99 -5.40 -8.10
CA THR B 400 13.61 -5.60 -8.55
C THR B 400 13.01 -6.84 -7.89
N GLU B 401 13.75 -7.96 -7.90
CA GLU B 401 13.26 -9.18 -7.29
C GLU B 401 13.15 -9.02 -5.77
N ASP B 402 14.07 -8.28 -5.15
CA ASP B 402 13.98 -8.02 -3.72
C ASP B 402 12.70 -7.29 -3.36
N LEU B 403 12.30 -6.32 -4.19
CA LEU B 403 11.10 -5.53 -3.88
C LEU B 403 9.84 -6.37 -4.04
N GLN B 404 9.81 -7.26 -5.04
CA GLN B 404 8.66 -8.14 -5.22
C GLN B 404 8.43 -9.00 -3.99
N LYS B 405 9.50 -9.57 -3.43
CA LYS B 405 9.38 -10.40 -2.24
C LYS B 405 9.13 -9.58 -0.98
N ASP B 406 9.66 -8.35 -0.94
CA ASP B 406 9.45 -7.50 0.23
C ASP B 406 7.97 -7.16 0.40
N LEU B 407 7.27 -6.88 -0.70
CA LEU B 407 5.90 -6.40 -0.65
C LEU B 407 4.87 -7.47 -0.97
N ALA B 408 5.30 -8.70 -1.22
CA ALA B 408 4.35 -9.76 -1.55
C ALA B 408 3.42 -10.04 -0.38
N TYR B 409 2.13 -10.13 -0.67
CA TYR B 409 1.11 -10.48 0.30
C TYR B 409 0.39 -11.74 -0.17
N GLU B 410 0.24 -12.72 0.71
CA GLU B 410 -0.31 -14.00 0.32
C GLU B 410 -1.84 -13.94 0.35
N THR B 411 -2.46 -14.24 -0.79
CA THR B 411 -3.91 -14.27 -0.88
C THR B 411 -4.45 -15.63 -1.29
N GLY B 412 -3.59 -16.60 -1.60
CA GLY B 412 -4.01 -17.92 -2.02
C GLY B 412 -3.77 -18.24 -3.48
N SER B 413 -3.14 -17.35 -4.23
CA SER B 413 -2.83 -17.57 -5.63
C SER B 413 -1.35 -17.93 -5.80
N THR B 414 -1.05 -18.62 -6.90
CA THR B 414 0.33 -18.88 -7.28
C THR B 414 0.91 -17.78 -8.14
N GLN B 415 0.08 -17.08 -8.92
CA GLN B 415 0.54 -15.98 -9.74
C GLN B 415 0.62 -14.70 -8.89
N LYS B 416 1.62 -13.87 -9.21
CA LYS B 416 1.87 -12.69 -8.40
C LYS B 416 0.84 -11.62 -8.69
N ARG B 417 0.35 -10.97 -7.62
CA ARG B 417 -0.52 -9.81 -7.74
C ARG B 417 0.23 -8.49 -7.60
N PHE B 418 1.51 -8.53 -7.22
CA PHE B 418 2.38 -7.37 -7.26
C PHE B 418 3.64 -7.75 -8.02
N VAL B 419 3.86 -7.10 -9.16
CA VAL B 419 5.00 -7.39 -10.04
C VAL B 419 5.86 -6.14 -10.15
N VAL B 420 7.18 -6.33 -10.18
CA VAL B 420 8.13 -5.25 -10.36
C VAL B 420 8.97 -5.55 -11.59
N PHE B 421 9.20 -4.54 -12.41
CA PHE B 421 10.11 -4.62 -13.54
C PHE B 421 11.23 -3.58 -13.37
N GLY B 422 12.39 -3.89 -13.95
CA GLY B 422 13.55 -3.05 -13.77
C GLY B 422 14.14 -2.52 -15.07
N ILE B 423 15.36 -1.98 -14.99
CA ILE B 423 15.97 -1.32 -16.14
C ILE B 423 16.24 -2.30 -17.26
N ASP B 424 16.48 -3.57 -16.93
CA ASP B 424 16.79 -4.59 -17.92
C ASP B 424 15.55 -5.09 -18.66
N ASP B 425 14.38 -4.54 -18.36
CA ASP B 425 13.15 -4.90 -19.04
C ASP B 425 12.63 -3.80 -19.96
N TRP B 426 13.32 -2.65 -20.02
CA TRP B 426 12.77 -1.51 -20.75
C TRP B 426 12.76 -1.75 -22.25
N ALA B 427 13.82 -2.38 -22.79
CA ALA B 427 13.93 -2.55 -24.23
C ALA B 427 12.84 -3.45 -24.80
N ASP B 428 12.27 -4.32 -23.98
CA ASP B 428 11.24 -5.26 -24.40
C ASP B 428 10.08 -5.23 -23.43
N ILE B 429 9.74 -4.03 -22.95
CA ILE B 429 8.74 -3.89 -21.90
C ILE B 429 7.35 -4.25 -22.41
N GLY B 430 7.09 -4.06 -23.71
CA GLY B 430 5.80 -4.41 -24.25
C GLY B 430 5.52 -5.90 -24.16
N SER B 431 6.47 -6.72 -24.59
CA SER B 431 6.29 -8.17 -24.53
C SER B 431 6.26 -8.66 -23.08
N LYS B 432 7.06 -8.04 -22.21
CA LYS B 432 7.09 -8.44 -20.81
C LYS B 432 5.75 -8.17 -20.13
N ILE B 433 5.14 -7.02 -20.41
CA ILE B 433 3.82 -6.72 -19.88
C ILE B 433 2.78 -7.64 -20.51
N CYS B 434 2.94 -7.94 -21.80
CA CYS B 434 1.98 -8.81 -22.49
C CYS B 434 1.98 -10.21 -21.90
N GLU B 435 3.17 -10.76 -21.62
CA GLU B 435 3.25 -12.11 -21.07
C GLU B 435 2.81 -12.13 -19.61
N GLU B 436 3.08 -11.06 -18.86
CA GLU B 436 2.70 -11.03 -17.46
C GLU B 436 1.19 -10.88 -17.29
N VAL B 437 0.56 -10.09 -18.14
CA VAL B 437 -0.87 -9.80 -17.98
C VAL B 437 -1.72 -10.89 -18.61
N PHE B 438 -1.37 -11.32 -19.82
CA PHE B 438 -2.20 -12.24 -20.61
C PHE B 438 -1.58 -13.63 -20.58
N LYS B 439 -2.14 -14.51 -19.75
CA LYS B 439 -1.69 -15.90 -19.66
C LYS B 439 -2.71 -16.75 -18.93
#